data_6E8L
#
_entry.id   6E8L
#
_cell.length_a   65.296
_cell.length_b   84.233
_cell.length_c   183.846
_cell.angle_alpha   90.00
_cell.angle_beta   90.00
_cell.angle_gamma   90.00
#
_symmetry.space_group_name_H-M   'P 21 21 21'
#
loop_
_entity.id
_entity.type
_entity.pdbx_description
1 polymer 'Alkyl hydroperoxide reductase AhpD'
2 water water
#
_entity_poly.entity_id   1
_entity_poly.type   'polypeptide(L)'
_entity_poly.pdbx_seq_one_letter_code
;GPTTFTIHTVESAPAEVKEILETVEKDNNGYIPNLIGLLANAPTVLEAYQIVSSIHRRNSLTPVEREVVQITAAVTNGCA
FCVAGHTAFSIKQIQMNDDLIQALRNRTPIETDPKLDTLAKFTLAVINTKGRVGDEALSEFLEAGYTQQNALDVVFGVSL
AILCNYANNLANTPINPELQPYA
;
_entity_poly.pdbx_strand_id   A,B,C,D,E,F
#
# COMPACT_ATOMS: atom_id res chain seq x y z
N THR A 4 19.70 16.87 -9.65
CA THR A 4 19.60 16.48 -8.21
C THR A 4 18.51 15.43 -7.96
N PHE A 5 17.50 15.39 -8.84
CA PHE A 5 16.60 14.24 -8.87
C PHE A 5 16.93 13.37 -10.08
N THR A 6 16.96 12.07 -9.87
CA THR A 6 17.20 11.14 -10.96
C THR A 6 15.94 10.95 -11.81
N ILE A 7 16.10 11.06 -13.11
CA ILE A 7 15.04 10.69 -14.05
C ILE A 7 15.39 9.27 -14.55
N HIS A 8 14.64 8.30 -14.05
CA HIS A 8 14.91 6.90 -14.25
C HIS A 8 14.46 6.40 -15.61
N THR A 9 15.18 5.40 -16.10
CA THR A 9 14.76 4.54 -17.21
C THR A 9 14.19 3.27 -16.65
N VAL A 10 13.63 2.42 -17.52
CA VAL A 10 13.22 1.08 -17.09
C VAL A 10 14.37 0.38 -16.32
N GLU A 11 15.59 0.46 -16.87
CA GLU A 11 16.71 -0.26 -16.36
C GLU A 11 17.25 0.30 -15.08
N SER A 12 17.23 1.61 -14.89
CA SER A 12 17.76 2.19 -13.63
C SER A 12 16.74 2.13 -12.47
N ALA A 13 15.45 1.95 -12.79
CA ALA A 13 14.42 2.17 -11.81
C ALA A 13 14.43 1.08 -10.72
N PRO A 14 13.94 1.39 -9.53
CA PRO A 14 13.74 0.30 -8.57
C PRO A 14 12.88 -0.84 -9.15
N ALA A 15 13.21 -2.06 -8.76
CA ALA A 15 12.48 -3.25 -9.20
C ALA A 15 10.96 -3.13 -9.07
N GLU A 16 10.49 -2.57 -7.97
CA GLU A 16 9.04 -2.46 -7.74
C GLU A 16 8.23 -1.72 -8.81
N VAL A 17 8.89 -0.86 -9.56
CA VAL A 17 8.17 -0.08 -10.57
C VAL A 17 8.57 -0.32 -12.00
N LYS A 18 9.43 -1.28 -12.25
CA LYS A 18 9.90 -1.53 -13.61
C LYS A 18 8.79 -1.89 -14.57
N GLU A 19 7.83 -2.68 -14.11
CA GLU A 19 6.69 -3.10 -14.92
C GLU A 19 5.83 -1.89 -15.35
N ILE A 20 5.66 -0.93 -14.45
CA ILE A 20 4.91 0.28 -14.80
C ILE A 20 5.60 1.09 -15.88
N LEU A 21 6.91 1.23 -15.78
CA LEU A 21 7.66 1.97 -16.77
C LEU A 21 7.59 1.32 -18.13
N GLU A 22 7.71 0.01 -18.20
CA GLU A 22 7.58 -0.75 -19.46
C GLU A 22 6.20 -0.54 -20.10
N THR A 23 5.16 -0.53 -19.29
CA THR A 23 3.84 -0.25 -19.74
C THR A 23 3.77 1.15 -20.33
N VAL A 24 4.28 2.11 -19.60
CA VAL A 24 4.31 3.49 -20.04
C VAL A 24 5.09 3.67 -21.33
N GLU A 25 6.18 2.96 -21.49
CA GLU A 25 6.99 3.06 -22.71
C GLU A 25 6.15 2.61 -23.93
N LYS A 26 5.38 1.52 -23.79
CA LYS A 26 4.48 1.09 -24.81
C LYS A 26 3.36 2.10 -25.03
N ASP A 27 2.73 2.57 -23.95
CA ASP A 27 1.62 3.52 -24.10
C ASP A 27 1.99 4.81 -24.83
N ASN A 28 3.22 5.28 -24.65
CA ASN A 28 3.68 6.46 -25.39
C ASN A 28 4.57 6.15 -26.57
N ASN A 29 4.46 4.96 -27.11
CA ASN A 29 5.12 4.57 -28.38
C ASN A 29 6.63 4.66 -28.40
N GLY A 30 7.27 4.22 -27.32
CA GLY A 30 8.72 4.13 -27.27
C GLY A 30 9.46 5.10 -26.41
N TYR A 31 8.77 6.06 -25.76
CA TYR A 31 9.49 6.90 -24.78
C TYR A 31 8.73 6.96 -23.45
N ILE A 32 9.43 7.33 -22.39
CA ILE A 32 8.85 7.53 -21.08
C ILE A 32 8.88 9.01 -20.72
N PRO A 33 7.71 9.63 -20.54
CA PRO A 33 7.65 11.00 -20.04
C PRO A 33 8.44 11.17 -18.79
N ASN A 34 9.28 12.20 -18.72
CA ASN A 34 10.20 12.36 -17.62
C ASN A 34 9.53 12.50 -16.26
N LEU A 35 8.30 13.00 -16.22
CA LEU A 35 7.46 12.95 -15.04
C LEU A 35 7.39 11.56 -14.44
N ILE A 36 7.21 10.56 -15.29
CA ILE A 36 7.21 9.17 -14.83
C ILE A 36 8.57 8.73 -14.33
N GLY A 37 9.62 9.12 -15.05
CA GLY A 37 11.00 8.84 -14.62
C GLY A 37 11.31 9.43 -13.26
N LEU A 38 10.74 10.62 -13.00
CA LEU A 38 10.89 11.29 -11.74
C LEU A 38 10.15 10.58 -10.59
N LEU A 39 8.93 10.18 -10.84
CA LEU A 39 8.15 9.50 -9.80
C LEU A 39 8.66 8.15 -9.46
N ALA A 40 9.39 7.53 -10.40
CA ALA A 40 10.08 6.25 -10.17
C ALA A 40 10.94 6.26 -8.89
N ASN A 41 11.44 7.43 -8.50
CA ASN A 41 12.18 7.57 -7.26
C ASN A 41 11.37 7.21 -6.00
N ALA A 42 10.04 7.33 -6.08
CA ALA A 42 9.19 7.07 -4.95
C ALA A 42 8.10 6.11 -5.42
N PRO A 43 8.39 4.81 -5.36
CA PRO A 43 7.50 3.82 -5.95
C PRO A 43 6.03 3.97 -5.58
N THR A 44 5.70 4.24 -4.30
CA THR A 44 4.30 4.39 -3.94
C THR A 44 3.64 5.57 -4.62
N VAL A 45 4.38 6.63 -4.90
CA VAL A 45 3.84 7.78 -5.56
C VAL A 45 3.56 7.47 -7.03
N LEU A 46 4.48 6.75 -7.71
CA LEU A 46 4.22 6.31 -9.09
C LEU A 46 3.01 5.37 -9.17
N GLU A 47 2.88 4.53 -8.17
CA GLU A 47 1.79 3.61 -8.13
C GLU A 47 0.51 4.37 -7.92
N ALA A 48 0.49 5.39 -7.06
CA ALA A 48 -0.72 6.16 -6.85
C ALA A 48 -1.06 6.91 -8.12
N TYR A 49 -0.05 7.46 -8.77
CA TYR A 49 -0.28 8.16 -10.02
C TYR A 49 -0.92 7.29 -11.08
N GLN A 50 -0.52 6.05 -11.21
CA GLN A 50 -1.09 5.16 -12.21
C GLN A 50 -2.56 4.90 -11.93
N ILE A 51 -2.88 4.56 -10.68
CA ILE A 51 -4.26 4.24 -10.35
C ILE A 51 -5.19 5.47 -10.48
N VAL A 52 -4.75 6.59 -9.99
CA VAL A 52 -5.54 7.81 -10.04
C VAL A 52 -5.73 8.31 -11.47
N SER A 53 -4.70 8.22 -12.28
CA SER A 53 -4.77 8.54 -13.67
C SER A 53 -5.83 7.70 -14.40
N SER A 54 -5.92 6.43 -14.09
CA SER A 54 -6.91 5.60 -14.70
C SER A 54 -8.32 5.92 -14.18
N ILE A 55 -8.44 6.36 -12.95
CA ILE A 55 -9.72 6.71 -12.42
C ILE A 55 -10.18 8.03 -12.97
N HIS A 56 -9.24 8.92 -13.23
CA HIS A 56 -9.49 10.23 -13.78
C HIS A 56 -10.03 10.15 -15.19
N ARG A 57 -9.58 9.16 -15.94
CA ARG A 57 -10.03 8.89 -17.28
C ARG A 57 -11.41 8.22 -17.40
N ARG A 58 -12.07 7.92 -16.30
CA ARG A 58 -13.40 7.38 -16.35
C ARG A 58 -14.28 8.19 -15.43
N ASN A 59 -14.02 9.47 -15.32
CA ASN A 59 -14.82 10.31 -14.45
C ASN A 59 -15.97 11.01 -15.12
N SER A 60 -16.67 11.93 -14.44
CA SER A 60 -17.88 12.57 -15.00
C SER A 60 -17.62 13.65 -15.99
N LEU A 61 -16.39 14.12 -16.16
CA LEU A 61 -16.04 15.08 -17.19
C LEU A 61 -15.65 14.34 -18.46
N THR A 62 -15.94 14.95 -19.59
CA THR A 62 -15.51 14.40 -20.89
C THR A 62 -14.01 14.48 -21.09
N PRO A 63 -13.42 13.68 -21.96
CA PRO A 63 -12.01 13.84 -22.26
C PRO A 63 -11.57 15.28 -22.59
N VAL A 64 -12.37 16.00 -23.36
CA VAL A 64 -12.05 17.39 -23.65
C VAL A 64 -12.12 18.24 -22.37
N GLU A 65 -13.14 18.00 -21.56
CA GLU A 65 -13.26 18.73 -20.29
C GLU A 65 -12.10 18.46 -19.35
N ARG A 66 -11.65 17.22 -19.29
CA ARG A 66 -10.49 16.88 -18.45
C ARG A 66 -9.24 17.68 -18.85
N GLU A 67 -9.00 17.79 -20.16
CA GLU A 67 -7.87 18.52 -20.65
C GLU A 67 -8.01 20.02 -20.43
N VAL A 68 -9.23 20.55 -20.46
CA VAL A 68 -9.46 21.94 -20.09
C VAL A 68 -9.00 22.15 -18.66
N VAL A 69 -9.38 21.27 -17.75
CA VAL A 69 -8.99 21.41 -16.33
C VAL A 69 -7.46 21.28 -16.20
N GLN A 70 -6.88 20.28 -16.85
CA GLN A 70 -5.46 19.97 -16.66
C GLN A 70 -4.57 21.05 -17.29
N ILE A 71 -4.87 21.49 -18.50
CA ILE A 71 -4.05 22.52 -19.13
C ILE A 71 -4.20 23.83 -18.38
N THR A 72 -5.42 24.18 -18.00
CA THR A 72 -5.63 25.39 -17.21
C THR A 72 -4.79 25.35 -15.93
N ALA A 73 -4.79 24.23 -15.23
CA ALA A 73 -3.97 24.06 -14.04
C ALA A 73 -2.46 24.13 -14.33
N ALA A 74 -1.99 23.43 -15.35
CA ALA A 74 -0.56 23.47 -15.69
C ALA A 74 -0.04 24.88 -15.95
N VAL A 75 -0.82 25.64 -16.69
CA VAL A 75 -0.47 27.00 -17.04
C VAL A 75 -0.50 27.90 -15.79
N THR A 76 -1.54 27.81 -14.99
CA THR A 76 -1.59 28.62 -13.79
C THR A 76 -0.47 28.24 -12.80
N ASN A 77 -0.05 26.98 -12.74
CA ASN A 77 1.01 26.57 -11.82
C ASN A 77 2.42 26.72 -12.44
N GLY A 78 2.53 27.19 -13.68
CA GLY A 78 3.82 27.38 -14.30
C GLY A 78 4.59 26.09 -14.48
N CYS A 79 3.91 25.00 -14.85
CA CYS A 79 4.61 23.73 -15.11
C CYS A 79 4.79 23.52 -16.60
N ALA A 80 5.99 23.79 -17.09
CA ALA A 80 6.30 23.74 -18.51
C ALA A 80 6.20 22.31 -19.05
N PHE A 81 6.63 21.33 -18.24
CA PHE A 81 6.51 19.94 -18.65
C PHE A 81 5.05 19.56 -18.86
N CYS A 82 4.17 19.89 -17.92
CA CYS A 82 2.79 19.41 -17.99
C CYS A 82 2.02 20.11 -19.13
N VAL A 83 2.30 21.37 -19.36
CA VAL A 83 1.74 22.08 -20.47
C VAL A 83 2.14 21.38 -21.81
N ALA A 84 3.38 20.94 -21.93
CA ALA A 84 3.83 20.25 -23.12
C ALA A 84 3.16 18.91 -23.24
N GLY A 85 3.18 18.14 -22.13
CA GLY A 85 2.57 16.84 -22.11
C GLY A 85 1.11 16.89 -22.51
N HIS A 86 0.35 17.76 -21.88
CA HIS A 86 -1.07 17.83 -22.16
C HIS A 86 -1.37 18.46 -23.53
N THR A 87 -0.51 19.30 -24.06
CA THR A 87 -0.70 19.80 -25.42
C THR A 87 -0.53 18.64 -26.42
N ALA A 88 0.56 17.87 -26.27
CA ALA A 88 0.82 16.73 -27.13
C ALA A 88 -0.32 15.70 -27.07
N PHE A 89 -0.83 15.45 -25.86
CA PHE A 89 -1.93 14.53 -25.68
C PHE A 89 -3.22 15.07 -26.30
N SER A 90 -3.49 16.37 -26.11
CA SER A 90 -4.66 16.97 -26.74
C SER A 90 -4.64 16.93 -28.27
N ILE A 91 -3.48 17.12 -28.85
CA ILE A 91 -3.35 17.06 -30.29
C ILE A 91 -3.37 15.62 -30.81
N LYS A 92 -2.57 14.74 -30.24
CA LYS A 92 -2.35 13.42 -30.85
C LYS A 92 -3.46 12.42 -30.51
N GLN A 93 -3.81 12.31 -29.23
CA GLN A 93 -4.89 11.38 -28.88
C GLN A 93 -6.27 12.00 -29.12
N ILE A 94 -6.62 13.04 -28.43
CA ILE A 94 -7.94 13.63 -28.47
C ILE A 94 -8.27 14.36 -29.76
N GLN A 95 -7.24 14.77 -30.50
CA GLN A 95 -7.41 15.57 -31.74
C GLN A 95 -8.37 16.77 -31.52
N MET A 96 -8.04 17.51 -30.48
CA MET A 96 -8.87 18.59 -29.99
C MET A 96 -8.80 19.73 -30.95
N ASN A 97 -9.84 20.54 -30.97
CA ASN A 97 -9.83 21.75 -31.76
C ASN A 97 -8.54 22.56 -31.54
N ASP A 98 -7.89 22.93 -32.64
CA ASP A 98 -6.61 23.64 -32.56
C ASP A 98 -6.79 24.98 -31.83
N ASP A 99 -7.86 25.70 -32.12
CA ASP A 99 -8.09 26.96 -31.47
C ASP A 99 -8.36 26.80 -29.99
N LEU A 100 -9.05 25.76 -29.55
CA LEU A 100 -9.30 25.57 -28.11
C LEU A 100 -7.97 25.32 -27.36
N ILE A 101 -7.13 24.45 -27.90
CA ILE A 101 -5.85 24.17 -27.27
C ILE A 101 -4.98 25.41 -27.17
N GLN A 102 -4.94 26.24 -28.21
CA GLN A 102 -4.11 27.44 -28.16
C GLN A 102 -4.67 28.44 -27.13
N ALA A 103 -5.99 28.57 -27.09
CA ALA A 103 -6.62 29.42 -26.09
C ALA A 103 -6.34 28.92 -24.68
N LEU A 104 -6.16 27.62 -24.50
CA LEU A 104 -5.88 27.08 -23.18
C LEU A 104 -4.47 27.42 -22.74
N ARG A 105 -3.50 27.21 -23.62
CA ARG A 105 -2.10 27.48 -23.31
C ARG A 105 -1.83 28.98 -23.06
N ASN A 106 -2.60 29.85 -23.70
CA ASN A 106 -2.37 31.27 -23.71
C ASN A 106 -3.29 32.03 -22.77
N ARG A 107 -4.11 31.31 -22.00
CA ARG A 107 -5.08 31.88 -21.08
C ARG A 107 -5.98 32.91 -21.71
N THR A 108 -6.56 32.55 -22.84
CA THR A 108 -7.44 33.39 -23.65
C THR A 108 -8.88 32.86 -23.54
N PRO A 109 -9.88 33.73 -23.59
CA PRO A 109 -11.27 33.24 -23.49
C PRO A 109 -11.63 32.22 -24.55
N ILE A 110 -12.45 31.26 -24.15
CA ILE A 110 -12.91 30.22 -25.09
C ILE A 110 -14.20 30.73 -25.66
N GLU A 111 -14.06 31.56 -26.70
CA GLU A 111 -15.21 32.28 -27.27
C GLU A 111 -16.18 31.32 -28.01
N THR A 112 -15.66 30.21 -28.50
CA THR A 112 -16.46 29.24 -29.25
C THR A 112 -17.36 28.32 -28.37
N ASP A 113 -17.11 28.27 -27.07
CA ASP A 113 -17.77 27.36 -26.18
C ASP A 113 -17.82 27.97 -24.80
N PRO A 114 -18.85 28.74 -24.51
CA PRO A 114 -19.01 29.37 -23.18
C PRO A 114 -19.03 28.39 -22.01
N LYS A 115 -19.51 27.17 -22.21
CA LYS A 115 -19.53 26.17 -21.15
C LYS A 115 -18.09 25.77 -20.75
N LEU A 116 -17.25 25.52 -21.75
CA LEU A 116 -15.87 25.22 -21.47
C LEU A 116 -15.14 26.45 -20.91
N ASP A 117 -15.50 27.64 -21.35
CA ASP A 117 -14.91 28.84 -20.79
C ASP A 117 -15.26 28.98 -19.29
N THR A 118 -16.50 28.63 -18.93
CA THR A 118 -16.93 28.59 -17.56
C THR A 118 -16.18 27.54 -16.75
N LEU A 119 -15.95 26.42 -17.37
CA LEU A 119 -15.19 25.35 -16.70
C LEU A 119 -13.77 25.82 -16.40
N ALA A 120 -13.12 26.46 -17.38
CA ALA A 120 -11.75 26.94 -17.18
C ALA A 120 -11.70 28.02 -16.08
N LYS A 121 -12.68 28.88 -16.04
CA LYS A 121 -12.76 29.90 -15.00
C LYS A 121 -13.02 29.30 -13.62
N PHE A 122 -13.89 28.33 -13.54
CA PHE A 122 -14.10 27.64 -12.25
C PHE A 122 -12.81 26.93 -11.77
N THR A 123 -12.08 26.31 -12.68
CA THR A 123 -10.84 25.66 -12.34
C THR A 123 -9.83 26.64 -11.74
N LEU A 124 -9.70 27.77 -12.38
CA LEU A 124 -8.82 28.83 -11.91
C LEU A 124 -9.28 29.34 -10.58
N ALA A 125 -10.59 29.62 -10.42
CA ALA A 125 -11.09 30.06 -9.12
C ALA A 125 -10.82 29.02 -8.04
N VAL A 126 -11.02 27.73 -8.37
CA VAL A 126 -10.71 26.67 -7.40
C VAL A 126 -9.22 26.69 -6.99
N ILE A 127 -8.34 26.78 -7.97
CA ILE A 127 -6.91 26.85 -7.70
C ILE A 127 -6.55 28.13 -6.89
N ASN A 128 -7.09 29.29 -7.29
CA ASN A 128 -6.67 30.54 -6.72
C ASN A 128 -7.26 30.81 -5.33
N THR A 129 -8.35 30.16 -4.98
CA THR A 129 -8.98 30.36 -3.68
C THR A 129 -8.95 29.12 -2.80
N LYS A 130 -8.27 28.07 -3.23
CA LYS A 130 -8.22 26.79 -2.50
C LYS A 130 -9.61 26.20 -2.25
N GLY A 131 -10.46 26.33 -3.26
CA GLY A 131 -11.83 25.82 -3.23
C GLY A 131 -12.88 26.76 -2.68
N ARG A 132 -12.50 27.78 -1.92
CA ARG A 132 -13.45 28.78 -1.44
C ARG A 132 -13.78 29.81 -2.52
N VAL A 133 -14.52 29.35 -3.53
CA VAL A 133 -14.77 30.16 -4.71
C VAL A 133 -15.82 31.22 -4.49
N GLY A 134 -16.61 31.07 -3.45
CA GLY A 134 -17.76 31.94 -3.19
C GLY A 134 -19.01 31.40 -3.91
N ASP A 135 -20.16 31.67 -3.32
CA ASP A 135 -21.43 31.21 -3.85
C ASP A 135 -21.70 31.64 -5.31
N GLU A 136 -21.28 32.84 -5.68
CA GLU A 136 -21.53 33.37 -7.01
C GLU A 136 -20.79 32.57 -8.10
N ALA A 137 -19.53 32.22 -7.86
CA ALA A 137 -18.76 31.46 -8.82
C ALA A 137 -19.30 30.05 -8.95
N LEU A 138 -19.65 29.44 -7.84
CA LEU A 138 -20.19 28.07 -7.88
C LEU A 138 -21.51 28.04 -8.65
N SER A 139 -22.41 28.96 -8.30
CA SER A 139 -23.70 29.03 -8.97
C SER A 139 -23.56 29.31 -10.47
N GLU A 140 -22.65 30.19 -10.85
CA GLU A 140 -22.36 30.38 -12.27
C GLU A 140 -21.87 29.11 -12.97
N PHE A 141 -21.08 28.30 -12.27
CA PHE A 141 -20.62 27.02 -12.80
C PHE A 141 -21.79 26.04 -12.99
N LEU A 142 -22.64 25.88 -11.96
CA LEU A 142 -23.81 25.02 -12.05
C LEU A 142 -24.82 25.44 -13.10
N GLU A 143 -25.15 26.70 -13.14
CA GLU A 143 -26.10 27.24 -14.13
C GLU A 143 -25.58 27.12 -15.55
N ALA A 144 -24.28 26.99 -15.76
CA ALA A 144 -23.75 26.74 -17.09
C ALA A 144 -23.98 25.28 -17.56
N GLY A 145 -24.53 24.43 -16.71
CA GLY A 145 -24.89 23.08 -17.06
C GLY A 145 -24.03 21.99 -16.46
N TYR A 146 -23.32 22.29 -15.37
CA TYR A 146 -22.51 21.28 -14.65
C TYR A 146 -23.25 20.93 -13.34
N THR A 147 -22.95 19.77 -12.81
CA THR A 147 -23.54 19.28 -11.58
C THR A 147 -22.58 19.37 -10.41
N GLN A 148 -23.06 18.99 -9.23
CA GLN A 148 -22.22 18.95 -8.06
C GLN A 148 -21.17 17.86 -8.24
N GLN A 149 -21.54 16.74 -8.84
CA GLN A 149 -20.58 15.68 -9.18
C GLN A 149 -19.47 16.24 -10.14
N ASN A 150 -19.89 17.02 -11.14
CA ASN A 150 -18.94 17.66 -11.99
C ASN A 150 -17.96 18.54 -11.21
N ALA A 151 -18.46 19.30 -10.27
CA ALA A 151 -17.64 20.19 -9.45
C ALA A 151 -16.61 19.39 -8.69
N LEU A 152 -17.00 18.24 -8.13
CA LEU A 152 -16.05 17.43 -7.37
C LEU A 152 -14.98 16.80 -8.27
N ASP A 153 -15.35 16.37 -9.46
CA ASP A 153 -14.35 15.88 -10.42
C ASP A 153 -13.37 16.95 -10.88
N VAL A 154 -13.82 18.22 -10.91
CA VAL A 154 -12.89 19.31 -11.18
C VAL A 154 -11.85 19.42 -10.05
N VAL A 155 -12.31 19.39 -8.81
CA VAL A 155 -11.44 19.43 -7.66
C VAL A 155 -10.47 18.26 -7.72
N PHE A 156 -10.95 17.08 -8.05
CA PHE A 156 -10.10 15.91 -8.24
C PHE A 156 -9.10 16.13 -9.42
N GLY A 157 -9.58 16.69 -10.54
CA GLY A 157 -8.72 17.13 -11.60
C GLY A 157 -7.57 18.03 -11.15
N VAL A 158 -7.93 19.01 -10.34
CA VAL A 158 -6.98 19.97 -9.80
C VAL A 158 -5.94 19.28 -8.90
N SER A 159 -6.38 18.38 -8.02
CA SER A 159 -5.42 17.71 -7.14
C SER A 159 -4.41 16.84 -7.90
N LEU A 160 -4.88 16.18 -8.94
CA LEU A 160 -3.98 15.36 -9.76
C LEU A 160 -2.98 16.25 -10.50
N ALA A 161 -3.45 17.36 -11.04
CA ALA A 161 -2.56 18.32 -11.74
C ALA A 161 -1.50 18.82 -10.79
N ILE A 162 -1.88 19.14 -9.58
CA ILE A 162 -0.95 19.67 -8.59
C ILE A 162 0.09 18.63 -8.22
N LEU A 163 -0.30 17.37 -8.05
CA LEU A 163 0.68 16.32 -7.84
C LEU A 163 1.79 16.35 -8.94
N CYS A 164 1.37 16.36 -10.21
CA CYS A 164 2.33 16.40 -11.29
C CYS A 164 3.03 17.75 -11.43
N ASN A 165 2.28 18.83 -11.36
CA ASN A 165 2.81 20.19 -11.51
C ASN A 165 3.85 20.50 -10.45
N TYR A 166 3.54 20.19 -9.17
CA TYR A 166 4.44 20.57 -8.08
C TYR A 166 5.67 19.67 -8.07
N ALA A 167 5.53 18.43 -8.47
CA ALA A 167 6.68 17.51 -8.49
C ALA A 167 7.64 17.93 -9.58
N ASN A 168 7.12 18.16 -10.80
CA ASN A 168 7.93 18.70 -11.89
C ASN A 168 8.58 20.06 -11.57
N ASN A 169 7.84 20.91 -10.88
CA ASN A 169 8.37 22.21 -10.46
C ASN A 169 9.50 22.06 -9.47
N LEU A 170 9.38 21.09 -8.58
CA LEU A 170 10.40 20.79 -7.60
C LEU A 170 11.66 20.22 -8.21
N ALA A 171 11.52 19.26 -9.13
CA ALA A 171 12.68 18.66 -9.82
C ALA A 171 13.19 19.49 -10.99
N ASN A 172 12.44 20.52 -11.42
CA ASN A 172 12.71 21.24 -12.66
C ASN A 172 12.84 20.24 -13.85
N THR A 173 11.86 19.35 -13.93
CA THR A 173 11.89 18.24 -14.84
C THR A 173 12.14 18.68 -16.29
N PRO A 174 13.15 18.11 -16.95
CA PRO A 174 13.38 18.48 -18.34
C PRO A 174 12.35 17.86 -19.30
N ILE A 175 12.04 18.58 -20.37
CA ILE A 175 11.09 18.16 -21.37
C ILE A 175 11.77 17.18 -22.32
N ASN A 176 11.19 15.99 -22.45
CA ASN A 176 11.58 14.98 -23.42
C ASN A 176 11.72 15.56 -24.82
N PRO A 177 12.69 15.09 -25.60
CA PRO A 177 12.76 15.52 -27.03
C PRO A 177 11.46 15.32 -27.81
N GLU A 178 10.80 14.20 -27.58
CA GLU A 178 9.50 13.89 -28.17
C GLU A 178 8.42 14.91 -27.80
N LEU A 179 8.54 15.57 -26.64
CA LEU A 179 7.59 16.61 -26.27
C LEU A 179 8.02 18.04 -26.57
N GLN A 180 9.27 18.24 -26.94
CA GLN A 180 9.79 19.61 -27.14
C GLN A 180 9.03 20.46 -28.15
N PRO A 181 8.56 19.86 -29.28
CA PRO A 181 7.77 20.64 -30.21
C PRO A 181 6.44 21.15 -29.66
N TYR A 182 5.99 20.67 -28.50
CA TYR A 182 4.75 21.11 -27.89
C TYR A 182 4.99 21.98 -26.67
N ALA A 183 6.25 22.32 -26.38
CA ALA A 183 6.61 23.15 -25.24
C ALA A 183 6.01 24.54 -25.36
N PRO B 2 -29.10 22.69 -4.71
CA PRO B 2 -29.06 24.09 -5.13
C PRO B 2 -27.60 24.65 -5.12
N THR B 3 -27.19 25.45 -4.14
CA THR B 3 -25.77 25.70 -3.89
C THR B 3 -25.15 24.70 -2.91
N THR B 4 -25.98 23.92 -2.20
CA THR B 4 -25.52 23.10 -1.14
C THR B 4 -25.28 21.68 -1.62
N PHE B 5 -24.26 21.06 -1.07
CA PHE B 5 -23.89 19.70 -1.47
C PHE B 5 -24.59 18.70 -0.57
N THR B 6 -24.97 17.57 -1.16
CA THR B 6 -25.54 16.49 -0.36
C THR B 6 -24.47 15.76 0.41
N ILE B 7 -24.69 15.53 1.70
CA ILE B 7 -23.84 14.66 2.49
C ILE B 7 -24.58 13.32 2.54
N HIS B 8 -24.08 12.35 1.76
CA HIS B 8 -24.76 11.06 1.64
C HIS B 8 -24.62 10.19 2.86
N THR B 9 -25.68 9.45 3.11
CA THR B 9 -25.66 8.33 4.07
C THR B 9 -25.49 7.05 3.27
N VAL B 10 -25.37 5.93 3.99
CA VAL B 10 -25.36 4.63 3.33
C VAL B 10 -26.62 4.50 2.45
N GLU B 11 -27.78 4.89 2.99
CA GLU B 11 -29.04 4.69 2.28
C GLU B 11 -29.13 5.53 0.99
N SER B 12 -28.67 6.78 1.04
CA SER B 12 -28.87 7.67 -0.10
C SER B 12 -27.75 7.59 -1.14
N ALA B 13 -26.63 7.00 -0.78
CA ALA B 13 -25.43 7.04 -1.63
C ALA B 13 -25.65 6.30 -2.96
N PRO B 14 -25.02 6.73 -4.04
CA PRO B 14 -25.01 5.87 -5.26
C PRO B 14 -24.57 4.45 -4.96
N ALA B 15 -25.17 3.48 -5.62
CA ALA B 15 -24.79 2.07 -5.56
C ALA B 15 -23.29 1.84 -5.65
N GLU B 16 -22.61 2.54 -6.55
CA GLU B 16 -21.17 2.34 -6.78
C GLU B 16 -20.30 2.52 -5.50
N VAL B 17 -20.78 3.27 -4.54
CA VAL B 17 -20.01 3.60 -3.37
C VAL B 17 -20.64 3.16 -2.06
N LYS B 18 -21.77 2.47 -2.10
CA LYS B 18 -22.43 2.08 -0.86
C LYS B 18 -21.55 1.22 0.06
N GLU B 19 -20.78 0.32 -0.57
CA GLU B 19 -19.87 -0.54 0.17
C GLU B 19 -18.77 0.25 0.89
N ILE B 20 -18.26 1.28 0.22
CA ILE B 20 -17.23 2.14 0.79
C ILE B 20 -17.77 2.88 2.04
N LEU B 21 -18.99 3.39 1.96
CA LEU B 21 -19.58 4.07 3.10
C LEU B 21 -19.77 3.14 4.29
N GLU B 22 -20.28 1.94 4.06
CA GLU B 22 -20.47 0.97 5.16
C GLU B 22 -19.12 0.58 5.77
N THR B 23 -18.12 0.36 4.93
CA THR B 23 -16.80 0.09 5.43
C THR B 23 -16.29 1.23 6.32
N VAL B 24 -16.35 2.44 5.80
CA VAL B 24 -15.92 3.61 6.51
C VAL B 24 -16.67 3.79 7.85
N GLU B 25 -17.95 3.48 7.89
CA GLU B 25 -18.70 3.62 9.10
C GLU B 25 -18.21 2.65 10.18
N LYS B 26 -17.93 1.42 9.79
CA LYS B 26 -17.37 0.44 10.71
C LYS B 26 -15.98 0.89 11.19
N ASP B 27 -15.14 1.29 10.25
CA ASP B 27 -13.80 1.72 10.62
C ASP B 27 -13.74 2.90 11.60
N ASN B 28 -14.67 3.84 11.47
CA ASN B 28 -14.76 4.95 12.43
C ASN B 28 -15.66 4.67 13.61
N ASN B 29 -16.11 3.42 13.78
CA ASN B 29 -16.86 3.02 14.98
C ASN B 29 -18.22 3.72 15.09
N GLY B 30 -18.97 3.73 13.99
CA GLY B 30 -20.36 4.06 13.98
C GLY B 30 -20.75 5.40 13.39
N TYR B 31 -19.81 6.17 12.86
CA TYR B 31 -20.18 7.38 12.10
C TYR B 31 -19.32 7.46 10.83
N ILE B 32 -19.78 8.29 9.93
CA ILE B 32 -19.10 8.54 8.67
C ILE B 32 -18.69 10.03 8.64
N PRO B 33 -17.39 10.32 8.65
CA PRO B 33 -16.93 11.68 8.44
C PRO B 33 -17.54 12.33 7.22
N ASN B 34 -18.04 13.56 7.40
CA ASN B 34 -18.81 14.21 6.39
C ASN B 34 -18.09 14.43 5.06
N LEU B 35 -16.77 14.49 5.10
CA LEU B 35 -15.95 14.44 3.90
C LEU B 35 -16.30 13.24 2.99
N ILE B 36 -16.46 12.08 3.60
CA ILE B 36 -16.79 10.85 2.88
C ILE B 36 -18.23 10.93 2.30
N GLY B 37 -19.17 11.43 3.11
CA GLY B 37 -20.51 11.67 2.63
C GLY B 37 -20.55 12.67 1.50
N LEU B 38 -19.66 13.64 1.50
CA LEU B 38 -19.57 14.62 0.41
C LEU B 38 -19.02 14.01 -0.87
N LEU B 39 -17.92 13.28 -0.77
CA LEU B 39 -17.26 12.75 -1.96
C LEU B 39 -18.11 11.67 -2.64
N ALA B 40 -19.01 11.03 -1.86
CA ALA B 40 -19.96 10.07 -2.43
C ALA B 40 -20.78 10.63 -3.60
N ASN B 41 -20.95 11.95 -3.67
CA ASN B 41 -21.55 12.58 -4.84
C ASN B 41 -20.84 12.28 -6.17
N ALA B 42 -19.55 11.99 -6.10
CA ALA B 42 -18.76 11.68 -7.28
C ALA B 42 -18.00 10.42 -6.97
N PRO B 43 -18.61 9.25 -7.27
CA PRO B 43 -17.98 7.98 -6.96
C PRO B 43 -16.49 7.86 -7.28
N THR B 44 -16.07 8.33 -8.43
CA THR B 44 -14.67 8.34 -8.84
C THR B 44 -13.75 9.03 -7.82
N VAL B 45 -14.20 10.18 -7.32
CA VAL B 45 -13.35 10.92 -6.38
C VAL B 45 -13.25 10.19 -5.03
N LEU B 46 -14.33 9.54 -4.60
CA LEU B 46 -14.28 8.76 -3.36
C LEU B 46 -13.45 7.50 -3.55
N GLU B 47 -13.55 6.86 -4.69
CA GLU B 47 -12.75 5.68 -4.98
C GLU B 47 -11.27 6.06 -4.96
N ALA B 48 -10.91 7.17 -5.57
CA ALA B 48 -9.53 7.62 -5.58
C ALA B 48 -9.06 7.92 -4.19
N TYR B 49 -9.84 8.63 -3.41
CA TYR B 49 -9.49 8.91 -2.02
C TYR B 49 -9.21 7.64 -1.22
N GLN B 50 -10.03 6.60 -1.38
CA GLN B 50 -9.77 5.36 -0.72
C GLN B 50 -8.45 4.70 -1.07
N ILE B 51 -8.18 4.59 -2.35
CA ILE B 51 -6.98 3.87 -2.81
C ILE B 51 -5.71 4.64 -2.45
N VAL B 52 -5.72 5.93 -2.65
CA VAL B 52 -4.59 6.78 -2.34
C VAL B 52 -4.31 6.88 -0.86
N SER B 53 -5.35 7.01 -0.07
CA SER B 53 -5.22 6.94 1.38
C SER B 53 -4.57 5.65 1.83
N SER B 54 -4.93 4.56 1.19
CA SER B 54 -4.32 3.28 1.47
C SER B 54 -2.85 3.22 1.05
N ILE B 55 -2.53 3.74 -0.12
CA ILE B 55 -1.13 3.81 -0.54
C ILE B 55 -0.36 4.77 0.35
N HIS B 56 -0.98 5.87 0.73
CA HIS B 56 -0.43 6.86 1.63
C HIS B 56 0.08 6.23 2.96
N ARG B 57 -0.66 5.28 3.49
CA ARG B 57 -0.26 4.62 4.75
C ARG B 57 0.87 3.63 4.64
N ARG B 58 1.36 3.35 3.43
CA ARG B 58 2.53 2.47 3.31
C ARG B 58 3.64 3.17 2.53
N ASN B 59 3.71 4.50 2.65
CA ASN B 59 4.73 5.25 1.92
C ASN B 59 6.05 5.36 2.76
N SER B 60 6.97 6.19 2.26
CA SER B 60 8.28 6.26 2.87
C SER B 60 8.41 7.13 4.11
N LEU B 61 7.36 7.80 4.49
CA LEU B 61 7.36 8.60 5.73
C LEU B 61 6.76 7.76 6.85
N THR B 62 7.10 8.10 8.08
CA THR B 62 6.46 7.48 9.25
C THR B 62 5.04 8.04 9.46
N PRO B 63 4.26 7.39 10.31
CA PRO B 63 2.93 7.92 10.58
C PRO B 63 2.93 9.33 11.14
N VAL B 64 3.82 9.65 12.05
CA VAL B 64 3.89 11.01 12.61
C VAL B 64 4.25 12.00 11.51
N GLU B 65 5.23 11.66 10.69
CA GLU B 65 5.65 12.48 9.59
C GLU B 65 4.51 12.75 8.60
N ARG B 66 3.71 11.72 8.31
CA ARG B 66 2.52 11.89 7.52
C ARG B 66 1.56 12.93 8.09
N GLU B 67 1.33 12.88 9.40
CA GLU B 67 0.47 13.84 10.04
C GLU B 67 1.02 15.26 10.04
N VAL B 68 2.34 15.38 10.10
CA VAL B 68 2.97 16.68 9.99
C VAL B 68 2.62 17.29 8.64
N VAL B 69 2.75 16.50 7.56
CA VAL B 69 2.42 17.05 6.25
C VAL B 69 0.92 17.45 6.17
N GLN B 70 0.05 16.59 6.66
CA GLN B 70 -1.40 16.78 6.48
C GLN B 70 -1.92 17.93 7.35
N ILE B 71 -1.52 18.05 8.61
CA ILE B 71 -2.00 19.17 9.40
C ILE B 71 -1.43 20.48 8.88
N THR B 72 -0.15 20.51 8.55
CA THR B 72 0.44 21.71 8.00
C THR B 72 -0.35 22.16 6.74
N ALA B 73 -0.68 21.21 5.86
CA ALA B 73 -1.48 21.52 4.71
C ALA B 73 -2.89 21.98 5.04
N ALA B 74 -3.57 21.30 5.94
CA ALA B 74 -4.94 21.68 6.35
C ALA B 74 -4.99 23.10 6.88
N VAL B 75 -4.04 23.47 7.72
CA VAL B 75 -4.02 24.83 8.28
C VAL B 75 -3.69 25.86 7.21
N THR B 76 -2.66 25.59 6.44
CA THR B 76 -2.32 26.51 5.33
C THR B 76 -3.46 26.70 4.33
N ASN B 77 -4.22 25.65 4.05
CA ASN B 77 -5.35 25.74 3.12
C ASN B 77 -6.65 26.19 3.80
N GLY B 78 -6.61 26.47 5.10
CA GLY B 78 -7.76 26.97 5.83
C GLY B 78 -8.93 25.99 5.83
N CYS B 79 -8.66 24.70 5.99
CA CYS B 79 -9.71 23.69 5.97
C CYS B 79 -10.03 23.22 7.37
N ALA B 80 -11.14 23.73 7.90
CA ALA B 80 -11.51 23.49 9.30
C ALA B 80 -11.84 22.04 9.54
N PHE B 81 -12.54 21.42 8.58
CA PHE B 81 -12.89 20.01 8.72
C PHE B 81 -11.61 19.15 8.80
N CYS B 82 -10.66 19.39 7.92
CA CYS B 82 -9.46 18.58 7.85
C CYS B 82 -8.56 18.76 9.08
N VAL B 83 -8.49 19.99 9.57
CA VAL B 83 -7.71 20.21 10.81
C VAL B 83 -8.33 19.39 11.96
N ALA B 84 -9.66 19.32 12.04
CA ALA B 84 -10.34 18.58 13.06
C ALA B 84 -10.13 17.11 12.89
N GLY B 85 -10.29 16.59 11.67
CA GLY B 85 -10.08 15.18 11.40
C GLY B 85 -8.71 14.72 11.77
N HIS B 86 -7.69 15.43 11.33
CA HIS B 86 -6.30 14.99 11.57
C HIS B 86 -5.87 15.21 13.02
N THR B 87 -6.40 16.22 13.69
CA THR B 87 -6.16 16.38 15.13
C THR B 87 -6.69 15.18 15.92
N ALA B 88 -7.91 14.74 15.59
CA ALA B 88 -8.48 13.56 16.25
C ALA B 88 -7.63 12.34 15.95
N PHE B 89 -7.22 12.15 14.71
CA PHE B 89 -6.40 10.98 14.35
C PHE B 89 -5.02 11.00 15.01
N SER B 90 -4.41 12.17 15.06
CA SER B 90 -3.12 12.33 15.76
C SER B 90 -3.24 12.07 17.25
N ILE B 91 -4.31 12.54 17.89
CA ILE B 91 -4.52 12.25 19.32
C ILE B 91 -4.93 10.79 19.56
N LYS B 92 -5.91 10.30 18.84
CA LYS B 92 -6.52 9.01 19.15
C LYS B 92 -5.75 7.82 18.61
N GLN B 93 -5.23 7.92 17.40
CA GLN B 93 -4.56 6.81 16.77
C GLN B 93 -3.02 6.85 16.86
N ILE B 94 -2.41 8.03 16.73
CA ILE B 94 -0.96 8.12 16.80
C ILE B 94 -0.48 8.48 18.20
N GLN B 95 -1.34 9.16 18.98
CA GLN B 95 -1.04 9.48 20.39
C GLN B 95 0.24 10.33 20.48
N MET B 96 0.41 11.25 19.57
CA MET B 96 1.47 12.23 19.65
C MET B 96 1.05 13.31 20.63
N ASN B 97 2.01 13.93 21.24
CA ASN B 97 1.78 14.80 22.35
C ASN B 97 1.27 16.19 21.96
N ASP B 98 0.55 16.81 22.89
CA ASP B 98 -0.16 18.06 22.63
C ASP B 98 0.73 19.17 22.11
N ASP B 99 1.93 19.27 22.61
CA ASP B 99 2.86 20.25 22.09
C ASP B 99 3.22 20.04 20.63
N LEU B 100 3.36 18.78 20.19
CA LEU B 100 3.57 18.54 18.77
C LEU B 100 2.36 18.96 17.91
N ILE B 101 1.18 18.53 18.34
CA ILE B 101 -0.07 18.88 17.71
C ILE B 101 -0.28 20.37 17.71
N GLN B 102 -0.03 21.03 18.84
CA GLN B 102 -0.31 22.47 18.90
C GLN B 102 0.59 23.25 17.95
N ALA B 103 1.86 22.86 17.85
CA ALA B 103 2.76 23.54 16.96
C ALA B 103 2.34 23.32 15.51
N LEU B 104 1.85 22.11 15.22
CA LEU B 104 1.37 21.81 13.87
C LEU B 104 0.11 22.59 13.52
N ARG B 105 -0.83 22.69 14.46
CA ARG B 105 -2.01 23.52 14.29
C ARG B 105 -1.67 25.01 14.17
N ASN B 106 -0.58 25.47 14.83
CA ASN B 106 -0.15 26.86 14.64
C ASN B 106 0.72 27.12 13.42
N ARG B 107 1.32 26.06 12.87
CA ARG B 107 2.47 26.19 11.93
C ARG B 107 3.59 27.04 12.58
N THR B 108 3.90 26.70 13.82
CA THR B 108 5.01 27.30 14.53
C THR B 108 6.12 26.26 14.68
N PRO B 109 7.35 26.69 14.95
CA PRO B 109 8.44 25.76 15.11
C PRO B 109 8.23 24.60 16.07
N ILE B 110 8.75 23.44 15.70
CA ILE B 110 8.66 22.25 16.49
C ILE B 110 9.97 22.19 17.27
N GLU B 111 9.89 22.56 18.52
CA GLU B 111 11.08 22.76 19.34
C GLU B 111 11.77 21.45 19.73
N THR B 112 11.01 20.36 19.84
CA THR B 112 11.62 19.09 20.31
C THR B 112 12.09 18.16 19.21
N ASP B 113 11.95 18.53 17.95
CA ASP B 113 12.29 17.58 16.86
C ASP B 113 12.63 18.36 15.65
N PRO B 114 13.88 18.79 15.52
CA PRO B 114 14.31 19.62 14.35
C PRO B 114 14.06 18.96 12.99
N LYS B 115 14.11 17.64 12.93
CA LYS B 115 13.78 16.93 11.70
C LYS B 115 12.33 17.10 11.30
N LEU B 116 11.42 16.99 12.24
CA LEU B 116 10.01 17.29 11.98
C LEU B 116 9.80 18.75 11.63
N ASP B 117 10.46 19.66 12.35
CA ASP B 117 10.35 21.09 12.08
C ASP B 117 10.69 21.40 10.60
N THR B 118 11.73 20.73 10.11
CA THR B 118 12.17 20.91 8.73
C THR B 118 11.16 20.41 7.75
N LEU B 119 10.53 19.29 8.06
CA LEU B 119 9.51 18.69 7.19
C LEU B 119 8.32 19.63 7.05
N ALA B 120 7.85 20.20 8.17
CA ALA B 120 6.70 21.09 8.16
C ALA B 120 7.05 22.36 7.39
N LYS B 121 8.24 22.91 7.61
CA LYS B 121 8.70 24.05 6.85
C LYS B 121 8.86 23.71 5.36
N PHE B 122 9.39 22.52 5.05
CA PHE B 122 9.42 22.09 3.68
C PHE B 122 8.00 21.93 3.09
N THR B 123 7.07 21.43 3.90
CA THR B 123 5.70 21.29 3.45
C THR B 123 5.09 22.63 3.09
N LEU B 124 5.31 23.60 3.95
CA LEU B 124 4.82 24.95 3.73
C LEU B 124 5.46 25.55 2.49
N ALA B 125 6.77 25.39 2.33
CA ALA B 125 7.41 25.89 1.14
C ALA B 125 6.84 25.27 -0.13
N VAL B 126 6.56 23.97 -0.12
CA VAL B 126 5.95 23.31 -1.29
C VAL B 126 4.62 23.97 -1.64
N ILE B 127 3.77 24.15 -0.62
CA ILE B 127 2.45 24.72 -0.83
C ILE B 127 2.52 26.14 -1.37
N ASN B 128 3.28 26.98 -0.70
CA ASN B 128 3.35 28.41 -1.05
C ASN B 128 4.05 28.68 -2.38
N THR B 129 4.88 27.73 -2.83
CA THR B 129 5.64 27.96 -4.04
C THR B 129 5.29 27.09 -5.22
N LYS B 130 4.24 26.24 -5.05
CA LYS B 130 3.81 25.30 -6.08
C LYS B 130 4.96 24.34 -6.48
N GLY B 131 5.72 23.94 -5.48
CA GLY B 131 6.88 23.07 -5.63
C GLY B 131 8.21 23.75 -5.87
N ARG B 132 8.21 25.00 -6.33
CA ARG B 132 9.45 25.74 -6.58
C ARG B 132 10.10 26.30 -5.29
N VAL B 133 10.57 25.41 -4.46
CA VAL B 133 11.01 25.74 -3.11
C VAL B 133 12.39 26.37 -3.07
N GLY B 134 13.14 26.21 -4.14
CA GLY B 134 14.49 26.76 -4.22
C GLY B 134 15.52 25.81 -3.62
N ASP B 135 16.73 25.89 -4.16
CA ASP B 135 17.82 25.03 -3.69
C ASP B 135 18.11 25.08 -2.20
N GLU B 136 17.99 26.24 -1.58
CA GLU B 136 18.30 26.32 -0.13
C GLU B 136 17.32 25.48 0.73
N ALA B 137 16.03 25.61 0.43
CA ALA B 137 15.02 24.88 1.17
C ALA B 137 15.10 23.39 0.92
N LEU B 138 15.35 22.99 -0.32
CA LEU B 138 15.51 21.58 -0.64
C LEU B 138 16.73 20.99 0.06
N SER B 139 17.83 21.70 -0.01
CA SER B 139 19.07 21.30 0.69
C SER B 139 18.89 21.21 2.18
N GLU B 140 18.20 22.14 2.80
CA GLU B 140 17.88 22.04 4.23
C GLU B 140 17.03 20.80 4.53
N PHE B 141 16.08 20.49 3.65
CA PHE B 141 15.28 19.28 3.78
C PHE B 141 16.14 18.03 3.70
N LEU B 142 17.00 17.95 2.70
CA LEU B 142 17.89 16.78 2.54
C LEU B 142 18.92 16.71 3.67
N GLU B 143 19.49 17.86 4.05
CA GLU B 143 20.44 17.90 5.14
C GLU B 143 19.85 17.46 6.50
N ALA B 144 18.56 17.56 6.66
CA ALA B 144 17.90 17.10 7.89
C ALA B 144 17.77 15.60 7.96
N GLY B 145 18.15 14.85 6.92
CA GLY B 145 18.09 13.38 6.97
C GLY B 145 17.02 12.77 6.05
N TYR B 146 16.40 13.58 5.19
CA TYR B 146 15.38 13.13 4.27
C TYR B 146 16.00 12.90 2.89
N THR B 147 15.32 12.09 2.10
CA THR B 147 15.76 11.69 0.79
C THR B 147 14.92 12.31 -0.28
N GLN B 148 15.38 12.13 -1.52
CA GLN B 148 14.64 12.60 -2.68
C GLN B 148 13.27 11.89 -2.74
N GLN B 149 13.25 10.62 -2.37
CA GLN B 149 11.99 9.89 -2.23
C GLN B 149 11.05 10.52 -1.20
N ASN B 150 11.53 10.84 -0.03
CA ASN B 150 10.71 11.50 0.99
C ASN B 150 10.13 12.82 0.45
N ALA B 151 10.96 13.58 -0.28
CA ALA B 151 10.52 14.83 -0.84
C ALA B 151 9.34 14.66 -1.79
N LEU B 152 9.37 13.61 -2.59
CA LEU B 152 8.24 13.30 -3.47
C LEU B 152 7.03 12.81 -2.67
N ASP B 153 7.25 12.03 -1.62
CA ASP B 153 6.16 11.68 -0.71
C ASP B 153 5.53 12.88 0.01
N VAL B 154 6.30 13.93 0.22
CA VAL B 154 5.72 15.17 0.73
C VAL B 154 4.81 15.81 -0.31
N VAL B 155 5.29 15.88 -1.56
CA VAL B 155 4.48 16.40 -2.64
C VAL B 155 3.18 15.60 -2.76
N PHE B 156 3.29 14.28 -2.64
CA PHE B 156 2.15 13.38 -2.70
C PHE B 156 1.16 13.65 -1.54
N GLY B 157 1.66 13.76 -0.33
CA GLY B 157 0.82 14.15 0.81
C GLY B 157 0.13 15.47 0.57
N VAL B 158 0.82 16.42 -0.03
CA VAL B 158 0.23 17.74 -0.31
C VAL B 158 -0.91 17.60 -1.33
N SER B 159 -0.74 16.78 -2.39
CA SER B 159 -1.84 16.56 -3.34
C SER B 159 -3.05 15.88 -2.66
N LEU B 160 -2.82 14.98 -1.74
CA LEU B 160 -3.91 14.32 -1.05
C LEU B 160 -4.69 15.32 -0.14
N ALA B 161 -3.97 16.09 0.64
CA ALA B 161 -4.58 17.16 1.45
C ALA B 161 -5.37 18.13 0.59
N ILE B 162 -4.81 18.54 -0.53
CA ILE B 162 -5.48 19.50 -1.42
C ILE B 162 -6.82 18.93 -1.93
N LEU B 163 -6.84 17.64 -2.29
CA LEU B 163 -8.08 17.02 -2.67
C LEU B 163 -9.15 17.18 -1.58
N CYS B 164 -8.81 16.81 -0.37
CA CYS B 164 -9.75 16.88 0.75
C CYS B 164 -10.05 18.33 1.19
N ASN B 165 -9.02 19.17 1.26
CA ASN B 165 -9.16 20.51 1.76
C ASN B 165 -9.98 21.36 0.80
N TYR B 166 -9.68 21.26 -0.50
CA TYR B 166 -10.40 22.08 -1.49
C TYR B 166 -11.87 21.62 -1.64
N ALA B 167 -12.07 20.31 -1.55
CA ALA B 167 -13.42 19.76 -1.61
C ALA B 167 -14.28 20.26 -0.42
N ASN B 168 -13.73 20.15 0.77
CA ASN B 168 -14.42 20.62 1.99
C ASN B 168 -14.63 22.15 1.95
N ASN B 169 -13.68 22.89 1.39
CA ASN B 169 -13.80 24.35 1.37
C ASN B 169 -14.90 24.76 0.41
N LEU B 170 -14.97 24.13 -0.77
CA LEU B 170 -16.03 24.41 -1.73
C LEU B 170 -17.41 24.01 -1.23
N ALA B 171 -17.51 22.87 -0.51
CA ALA B 171 -18.78 22.40 0.02
C ALA B 171 -19.15 23.03 1.38
N ASN B 172 -18.18 23.68 2.06
CA ASN B 172 -18.39 24.14 3.44
C ASN B 172 -18.84 22.98 4.31
N THR B 173 -18.16 21.84 4.17
CA THR B 173 -18.56 20.61 4.82
C THR B 173 -18.70 20.82 6.34
N PRO B 174 -19.86 20.45 6.91
CA PRO B 174 -19.98 20.57 8.36
C PRO B 174 -19.19 19.51 9.10
N ILE B 175 -18.64 19.90 10.25
CA ILE B 175 -17.87 19.00 11.11
C ILE B 175 -18.86 18.16 11.90
N ASN B 176 -18.72 16.84 11.79
CA ASN B 176 -19.53 15.86 12.55
C ASN B 176 -19.44 16.18 14.04
N PRO B 177 -20.51 15.92 14.80
CA PRO B 177 -20.43 16.09 16.27
C PRO B 177 -19.26 15.34 16.92
N GLU B 178 -18.94 14.15 16.42
CA GLU B 178 -17.81 13.37 16.91
C GLU B 178 -16.47 14.12 16.73
N LEU B 179 -16.38 15.05 15.79
CA LEU B 179 -15.15 15.77 15.51
C LEU B 179 -15.10 17.18 16.06
N GLN B 180 -16.24 17.74 16.43
CA GLN B 180 -16.33 19.11 16.95
C GLN B 180 -15.37 19.44 18.11
N PRO B 181 -15.19 18.51 19.06
CA PRO B 181 -14.20 18.77 20.14
C PRO B 181 -12.75 19.01 19.64
N TYR B 182 -12.39 18.39 18.51
CA TYR B 182 -11.04 18.50 17.99
C TYR B 182 -10.86 19.63 17.00
N ALA B 183 -11.93 20.38 16.79
CA ALA B 183 -11.89 21.47 15.84
C ALA B 183 -11.05 22.63 16.38
N PRO C 2 33.33 16.78 9.16
CA PRO C 2 32.63 16.16 8.05
C PRO C 2 31.50 15.18 8.44
N THR C 3 30.73 14.79 7.44
CA THR C 3 29.70 13.76 7.56
C THR C 3 30.23 12.32 7.38
N THR C 4 31.52 12.16 7.23
CA THR C 4 32.07 10.95 6.66
C THR C 4 32.85 10.27 7.74
N PHE C 5 32.56 9.01 7.97
CA PHE C 5 33.30 8.23 8.98
C PHE C 5 34.37 7.49 8.23
N THR C 6 35.52 7.33 8.84
CA THR C 6 36.54 6.41 8.33
C THR C 6 36.10 4.96 8.57
N ILE C 7 36.19 4.15 7.52
CA ILE C 7 36.10 2.71 7.62
C ILE C 7 37.54 2.17 7.73
N HIS C 8 37.91 1.78 8.94
CA HIS C 8 39.26 1.41 9.27
C HIS C 8 39.70 0.07 8.72
N THR C 9 40.98 0.07 8.35
CA THR C 9 41.74 -1.15 8.06
C THR C 9 42.62 -1.45 9.25
N VAL C 10 43.24 -2.64 9.22
CA VAL C 10 44.19 -3.04 10.27
C VAL C 10 45.25 -1.96 10.45
N GLU C 11 45.85 -1.53 9.35
CA GLU C 11 46.98 -0.59 9.41
C GLU C 11 46.56 0.78 9.99
N SER C 12 45.38 1.27 9.66
CA SER C 12 44.96 2.59 10.11
C SER C 12 44.25 2.58 11.44
N ALA C 13 43.86 1.41 11.95
CA ALA C 13 43.02 1.37 13.17
C ALA C 13 43.77 1.82 14.39
N PRO C 14 43.07 2.42 15.38
CA PRO C 14 43.78 2.71 16.65
C PRO C 14 44.42 1.46 17.22
N ALA C 15 45.64 1.60 17.76
CA ALA C 15 46.43 0.45 18.22
C ALA C 15 45.65 -0.50 19.15
N GLU C 16 44.83 0.05 20.01
CA GLU C 16 44.03 -0.73 20.96
C GLU C 16 43.12 -1.79 20.35
N VAL C 17 42.69 -1.62 19.10
CA VAL C 17 41.76 -2.56 18.48
C VAL C 17 42.31 -3.23 17.23
N LYS C 18 43.60 -3.11 16.95
CA LYS C 18 44.18 -3.80 15.80
C LYS C 18 43.97 -5.33 15.83
N GLU C 19 44.08 -5.90 17.02
CA GLU C 19 43.92 -7.33 17.20
C GLU C 19 42.49 -7.78 16.97
N ILE C 20 41.51 -6.95 17.29
CA ILE C 20 40.11 -7.32 17.05
C ILE C 20 39.87 -7.35 15.54
N LEU C 21 40.40 -6.37 14.80
CA LEU C 21 40.22 -6.32 13.38
C LEU C 21 40.89 -7.54 12.70
N GLU C 22 42.05 -7.94 13.16
CA GLU C 22 42.72 -9.13 12.68
C GLU C 22 41.94 -10.36 13.04
N THR C 23 41.55 -10.49 14.31
CA THR C 23 40.71 -11.58 14.72
C THR C 23 39.43 -11.65 13.85
N VAL C 24 38.83 -10.49 13.64
CA VAL C 24 37.69 -10.40 12.76
C VAL C 24 38.02 -10.84 11.34
N GLU C 25 39.14 -10.44 10.84
CA GLU C 25 39.50 -10.78 9.45
C GLU C 25 39.70 -12.27 9.31
N LYS C 26 40.31 -12.93 10.27
CA LYS C 26 40.47 -14.41 10.19
C LYS C 26 39.11 -15.11 10.24
N ASP C 27 38.25 -14.70 11.17
CA ASP C 27 36.94 -15.28 11.29
C ASP C 27 36.06 -15.17 10.05
N ASN C 28 36.20 -14.16 9.23
CA ASN C 28 35.34 -14.01 8.06
C ASN C 28 36.01 -14.38 6.74
N ASN C 29 36.94 -15.32 6.79
CA ASN C 29 37.73 -15.75 5.63
C ASN C 29 38.45 -14.69 4.80
N GLY C 30 38.99 -13.68 5.47
CA GLY C 30 39.87 -12.73 4.80
C GLY C 30 39.31 -11.35 4.47
N TYR C 31 38.14 -11.00 4.99
CA TYR C 31 37.68 -9.62 4.90
C TYR C 31 37.07 -9.15 6.23
N ILE C 32 36.90 -7.86 6.32
CA ILE C 32 36.38 -7.20 7.53
C ILE C 32 35.07 -6.52 7.16
N PRO C 33 33.95 -6.96 7.74
CA PRO C 33 32.68 -6.23 7.57
C PRO C 33 32.85 -4.77 7.91
N ASN C 34 32.31 -3.89 7.06
CA ASN C 34 32.56 -2.46 7.21
C ASN C 34 31.98 -1.87 8.50
N LEU C 35 30.97 -2.52 9.09
CA LEU C 35 30.49 -2.16 10.43
C LEU C 35 31.65 -2.20 11.42
N ILE C 36 32.50 -3.21 11.32
CA ILE C 36 33.65 -3.34 12.22
C ILE C 36 34.68 -2.23 11.98
N GLY C 37 34.95 -1.94 10.71
CA GLY C 37 35.83 -0.84 10.33
C GLY C 37 35.28 0.49 10.84
N LEU C 38 33.96 0.65 10.85
CA LEU C 38 33.34 1.84 11.41
C LEU C 38 33.48 1.92 12.93
N LEU C 39 33.20 0.82 13.63
CA LEU C 39 33.24 0.83 15.08
C LEU C 39 34.63 1.01 15.63
N ALA C 40 35.65 0.64 14.84
CA ALA C 40 37.05 0.89 15.21
C ALA C 40 37.33 2.35 15.59
N ASN C 41 36.55 3.29 15.05
CA ASN C 41 36.67 4.69 15.41
C ASN C 41 36.39 4.95 16.92
N ALA C 42 35.68 4.05 17.58
CA ALA C 42 35.43 4.15 18.98
C ALA C 42 35.78 2.83 19.62
N PRO C 43 37.05 2.68 20.01
CA PRO C 43 37.53 1.37 20.49
C PRO C 43 36.64 0.69 21.54
N THR C 44 36.11 1.44 22.50
CA THR C 44 35.21 0.88 23.49
C THR C 44 33.90 0.36 22.89
N VAL C 45 33.37 1.01 21.87
CA VAL C 45 32.18 0.47 21.20
C VAL C 45 32.48 -0.87 20.50
N LEU C 46 33.64 -0.99 19.89
CA LEU C 46 34.01 -2.24 19.21
C LEU C 46 34.25 -3.33 20.19
N GLU C 47 34.90 -3.03 21.31
CA GLU C 47 35.11 -4.01 22.34
C GLU C 47 33.77 -4.52 22.87
N ALA C 48 32.84 -3.62 23.15
CA ALA C 48 31.54 -4.00 23.62
C ALA C 48 30.82 -4.88 22.63
N TYR C 49 30.83 -4.51 21.36
CA TYR C 49 30.22 -5.33 20.33
C TYR C 49 30.80 -6.76 20.30
N GLN C 50 32.11 -6.91 20.43
CA GLN C 50 32.67 -8.26 20.34
C GLN C 50 32.23 -9.13 21.51
N ILE C 51 32.29 -8.58 22.73
CA ILE C 51 31.92 -9.34 23.90
C ILE C 51 30.42 -9.62 23.93
N VAL C 52 29.60 -8.64 23.62
CA VAL C 52 28.15 -8.83 23.62
C VAL C 52 27.69 -9.80 22.54
N SER C 53 28.30 -9.72 21.38
CA SER C 53 27.99 -10.58 20.29
C SER C 53 28.29 -12.00 20.69
N SER C 54 29.34 -12.21 21.44
CA SER C 54 29.68 -13.53 21.91
C SER C 54 28.74 -14.00 23.04
N ILE C 55 28.23 -13.09 23.84
CA ILE C 55 27.30 -13.47 24.86
C ILE C 55 25.99 -13.78 24.15
N HIS C 56 25.67 -13.02 23.13
CA HIS C 56 24.47 -13.22 22.34
C HIS C 56 24.34 -14.65 21.84
N ARG C 57 25.40 -15.24 21.32
CA ARG C 57 25.38 -16.60 20.79
C ARG C 57 25.30 -17.79 21.73
N ARG C 58 25.10 -17.55 23.01
CA ARG C 58 24.90 -18.59 23.96
C ARG C 58 23.76 -18.16 24.85
N ASN C 59 22.80 -17.44 24.31
CA ASN C 59 21.69 -17.03 25.14
C ASN C 59 20.56 -18.03 25.08
N SER C 60 19.47 -17.76 25.73
CA SER C 60 18.37 -18.70 25.74
C SER C 60 17.63 -19.01 24.44
N LEU C 61 17.85 -18.30 23.37
CA LEU C 61 17.17 -18.58 22.10
C LEU C 61 18.04 -19.46 21.21
N THR C 62 17.43 -20.15 20.29
CA THR C 62 18.19 -21.00 19.33
C THR C 62 18.85 -20.13 18.26
N PRO C 63 19.79 -20.68 17.52
CA PRO C 63 20.40 -19.89 16.43
C PRO C 63 19.41 -19.33 15.44
N VAL C 64 18.41 -20.10 15.06
CA VAL C 64 17.38 -19.57 14.15
C VAL C 64 16.61 -18.44 14.83
N GLU C 65 16.27 -18.62 16.11
CA GLU C 65 15.47 -17.61 16.80
C GLU C 65 16.18 -16.27 16.92
N ARG C 66 17.49 -16.31 17.19
CA ARG C 66 18.26 -15.05 17.23
C ARG C 66 18.19 -14.31 15.90
N GLU C 67 18.34 -15.02 14.80
CA GLU C 67 18.29 -14.40 13.48
C GLU C 67 16.90 -13.91 13.12
N VAL C 68 15.85 -14.55 13.61
CA VAL C 68 14.51 -14.02 13.47
C VAL C 68 14.45 -12.64 14.14
N VAL C 69 14.98 -12.52 15.35
CA VAL C 69 15.03 -11.25 16.05
C VAL C 69 15.85 -10.23 15.29
N GLN C 70 17.06 -10.61 14.87
CA GLN C 70 18.00 -9.67 14.24
C GLN C 70 17.52 -9.21 12.85
N ILE C 71 17.03 -10.12 12.03
CA ILE C 71 16.55 -9.73 10.70
C ILE C 71 15.32 -8.81 10.83
N THR C 72 14.45 -9.16 11.73
CA THR C 72 13.23 -8.37 11.95
C THR C 72 13.64 -6.97 12.42
N ALA C 73 14.60 -6.87 13.34
CA ALA C 73 15.11 -5.58 13.77
C ALA C 73 15.79 -4.76 12.67
N ALA C 74 16.66 -5.40 11.91
CA ALA C 74 17.39 -4.71 10.82
C ALA C 74 16.42 -4.15 9.79
N VAL C 75 15.43 -4.94 9.41
CA VAL C 75 14.44 -4.52 8.43
C VAL C 75 13.58 -3.38 9.00
N THR C 76 13.07 -3.55 10.21
CA THR C 76 12.28 -2.52 10.85
C THR C 76 13.05 -1.22 11.06
N ASN C 77 14.36 -1.30 11.33
CA ASN C 77 15.20 -0.12 11.51
C ASN C 77 15.75 0.43 10.18
N GLY C 78 15.37 -0.18 9.07
CA GLY C 78 15.78 0.29 7.74
C GLY C 78 17.28 0.27 7.51
N CYS C 79 17.98 -0.73 8.03
CA CYS C 79 19.44 -0.80 7.92
C CYS C 79 19.80 -1.85 6.86
N ALA C 80 20.21 -1.35 5.70
CA ALA C 80 20.51 -2.18 4.54
C ALA C 80 21.70 -3.11 4.81
N PHE C 81 22.69 -2.59 5.52
CA PHE C 81 23.90 -3.31 5.77
C PHE C 81 23.64 -4.50 6.64
N CYS C 82 22.91 -4.30 7.75
CA CYS C 82 22.63 -5.37 8.68
C CYS C 82 21.73 -6.44 8.04
N VAL C 83 20.84 -6.05 7.16
CA VAL C 83 20.04 -7.02 6.43
C VAL C 83 20.95 -7.93 5.59
N ALA C 84 21.91 -7.35 4.88
CA ALA C 84 22.83 -8.18 4.08
C ALA C 84 23.69 -9.05 4.99
N GLY C 85 24.19 -8.47 6.07
CA GLY C 85 25.04 -9.20 7.00
C GLY C 85 24.31 -10.42 7.56
N HIS C 86 23.15 -10.18 8.12
CA HIS C 86 22.38 -11.26 8.73
C HIS C 86 21.78 -12.23 7.70
N THR C 87 21.47 -11.75 6.48
CA THR C 87 21.03 -12.68 5.45
C THR C 87 22.17 -13.67 5.09
N ALA C 88 23.37 -13.14 4.90
CA ALA C 88 24.54 -13.94 4.58
C ALA C 88 24.83 -14.95 5.71
N PHE C 89 24.77 -14.48 6.95
CA PHE C 89 25.01 -15.34 8.12
C PHE C 89 23.95 -16.43 8.25
N SER C 90 22.69 -16.09 8.03
CA SER C 90 21.62 -17.09 8.07
C SER C 90 21.77 -18.18 7.01
N ILE C 91 22.16 -17.80 5.79
CA ILE C 91 22.42 -18.78 4.76
C ILE C 91 23.72 -19.56 4.97
N LYS C 92 24.80 -18.89 5.25
CA LYS C 92 26.12 -19.53 5.27
C LYS C 92 26.42 -20.28 6.56
N GLN C 93 26.05 -19.71 7.71
CA GLN C 93 26.39 -20.32 8.98
C GLN C 93 25.29 -21.19 9.59
N ILE C 94 24.03 -20.78 9.52
CA ILE C 94 22.99 -21.64 10.08
C ILE C 94 22.13 -22.30 9.04
N GLN C 95 22.37 -22.08 7.76
CA GLN C 95 21.69 -22.75 6.66
C GLN C 95 20.19 -22.70 6.76
N MET C 96 19.67 -21.52 7.11
CA MET C 96 18.27 -21.28 7.37
C MET C 96 17.55 -21.43 6.05
N ASN C 97 16.46 -22.16 6.10
CA ASN C 97 15.67 -22.41 4.91
C ASN C 97 15.33 -21.10 4.17
N ASP C 98 15.57 -21.09 2.86
CA ASP C 98 15.38 -19.92 2.03
C ASP C 98 14.02 -19.25 2.15
N ASP C 99 12.99 -20.01 2.32
CA ASP C 99 11.65 -19.42 2.46
C ASP C 99 11.51 -18.67 3.77
N LEU C 100 12.13 -19.12 4.85
CA LEU C 100 12.07 -18.37 6.12
C LEU C 100 12.82 -17.06 6.00
N ILE C 101 14.06 -17.12 5.47
CA ILE C 101 14.85 -15.89 5.24
C ILE C 101 14.06 -14.79 4.45
N GLN C 102 13.35 -15.25 3.44
CA GLN C 102 12.58 -14.39 2.59
C GLN C 102 11.37 -13.82 3.33
N ALA C 103 10.76 -14.62 4.20
CA ALA C 103 9.63 -14.14 4.97
C ALA C 103 10.12 -13.12 6.01
N LEU C 104 11.33 -13.24 6.47
CA LEU C 104 11.92 -12.33 7.41
C LEU C 104 12.25 -11.00 6.80
N ARG C 105 12.90 -10.99 5.65
CA ARG C 105 13.23 -9.76 4.93
C ARG C 105 12.01 -8.97 4.48
N ASN C 106 10.94 -9.65 4.04
CA ASN C 106 9.71 -8.96 3.62
C ASN C 106 8.67 -8.84 4.74
N ARG C 107 9.07 -9.15 5.96
CA ARG C 107 8.18 -9.05 7.16
C ARG C 107 6.84 -9.72 6.98
N THR C 108 6.85 -10.89 6.35
CA THR C 108 5.66 -11.62 5.96
C THR C 108 5.51 -12.85 6.89
N PRO C 109 4.28 -13.35 7.04
CA PRO C 109 4.06 -14.39 8.03
C PRO C 109 4.90 -15.63 7.83
N ILE C 110 5.38 -16.20 8.95
CA ILE C 110 6.05 -17.48 8.95
C ILE C 110 4.94 -18.54 9.04
N GLU C 111 4.44 -18.90 7.86
CA GLU C 111 3.26 -19.71 7.70
C GLU C 111 3.46 -21.17 8.11
N THR C 112 4.69 -21.60 8.33
CA THR C 112 5.10 -22.96 8.55
C THR C 112 5.55 -23.32 10.00
N ASP C 113 5.83 -22.31 10.82
CA ASP C 113 6.22 -22.49 12.20
C ASP C 113 5.60 -21.32 13.00
N PRO C 114 4.41 -21.53 13.52
CA PRO C 114 3.72 -20.51 14.31
C PRO C 114 4.48 -19.97 15.52
N LYS C 115 5.38 -20.75 16.10
CA LYS C 115 6.19 -20.30 17.22
C LYS C 115 7.15 -19.20 16.76
N LEU C 116 7.84 -19.43 15.64
CA LEU C 116 8.68 -18.42 15.06
C LEU C 116 7.90 -17.21 14.59
N ASP C 117 6.69 -17.45 14.06
CA ASP C 117 5.87 -16.34 13.61
C ASP C 117 5.59 -15.37 14.79
N THR C 118 5.31 -15.96 15.95
CA THR C 118 5.03 -15.22 17.15
C THR C 118 6.22 -14.45 17.64
N LEU C 119 7.40 -15.06 17.53
CA LEU C 119 8.63 -14.38 17.95
C LEU C 119 8.88 -13.17 17.08
N ALA C 120 8.71 -13.34 15.75
CA ALA C 120 8.88 -12.24 14.82
C ALA C 120 7.91 -11.07 15.11
N LYS C 121 6.66 -11.41 15.34
CA LYS C 121 5.67 -10.39 15.72
C LYS C 121 5.97 -9.78 17.10
N PHE C 122 6.43 -10.60 18.04
CA PHE C 122 6.80 -10.07 19.33
C PHE C 122 7.98 -9.09 19.24
N THR C 123 8.96 -9.40 18.42
CA THR C 123 10.13 -8.52 18.27
C THR C 123 9.70 -7.17 17.70
N LEU C 124 8.88 -7.23 16.66
CA LEU C 124 8.35 -6.02 16.06
C LEU C 124 7.54 -5.19 17.08
N ALA C 125 6.72 -5.84 17.87
CA ALA C 125 5.98 -5.16 18.91
C ALA C 125 6.89 -4.48 19.92
N VAL C 126 7.96 -5.13 20.32
CA VAL C 126 8.96 -4.51 21.24
C VAL C 126 9.55 -3.27 20.58
N ILE C 127 9.97 -3.37 19.35
CA ILE C 127 10.59 -2.27 18.62
C ILE C 127 9.61 -1.09 18.47
N ASN C 128 8.39 -1.36 18.00
CA ASN C 128 7.40 -0.32 17.78
C ASN C 128 6.87 0.34 19.07
N THR C 129 6.91 -0.35 20.20
CA THR C 129 6.37 0.20 21.43
C THR C 129 7.40 0.53 22.51
N LYS C 130 8.68 0.37 22.19
CA LYS C 130 9.77 0.56 23.18
C LYS C 130 9.59 -0.33 24.44
N GLY C 131 9.15 -1.56 24.19
CA GLY C 131 8.89 -2.53 25.24
C GLY C 131 7.50 -2.53 25.85
N ARG C 132 6.72 -1.46 25.67
CA ARG C 132 5.33 -1.44 26.16
C ARG C 132 4.38 -2.15 25.22
N VAL C 133 4.54 -3.45 25.15
CA VAL C 133 3.80 -4.27 24.17
C VAL C 133 2.35 -4.46 24.56
N GLY C 134 2.05 -4.28 25.84
CA GLY C 134 0.72 -4.50 26.34
C GLY C 134 0.64 -5.94 26.72
N ASP C 135 -0.12 -6.24 27.76
CA ASP C 135 -0.29 -7.59 28.29
C ASP C 135 -0.79 -8.65 27.32
N GLU C 136 -1.57 -8.27 26.33
CA GLU C 136 -2.09 -9.16 25.35
C GLU C 136 -1.01 -9.74 24.46
N ALA C 137 -0.11 -8.91 23.97
CA ALA C 137 1.00 -9.35 23.12
C ALA C 137 1.98 -10.19 23.93
N LEU C 138 2.28 -9.76 25.14
CA LEU C 138 3.19 -10.52 26.00
C LEU C 138 2.64 -11.89 26.31
N SER C 139 1.40 -11.95 26.72
CA SER C 139 0.73 -13.22 27.04
C SER C 139 0.68 -14.14 25.82
N GLU C 140 0.38 -13.61 24.65
CA GLU C 140 0.51 -14.40 23.42
C GLU C 140 1.89 -15.00 23.16
N PHE C 141 2.95 -14.21 23.32
CA PHE C 141 4.33 -14.67 23.23
C PHE C 141 4.62 -15.82 24.19
N LEU C 142 4.19 -15.68 25.44
CA LEU C 142 4.37 -16.74 26.44
C LEU C 142 3.59 -17.98 26.11
N GLU C 143 2.36 -17.87 25.67
CA GLU C 143 1.57 -19.08 25.33
C GLU C 143 2.12 -19.85 24.17
N ALA C 144 2.94 -19.24 23.32
CA ALA C 144 3.59 -19.99 22.23
C ALA C 144 4.72 -20.91 22.73
N GLY C 145 4.95 -20.93 24.05
CA GLY C 145 5.98 -21.75 24.67
C GLY C 145 7.32 -21.00 24.91
N TYR C 146 7.26 -19.66 25.02
CA TYR C 146 8.43 -18.89 25.39
C TYR C 146 8.34 -18.54 26.87
N THR C 147 9.49 -18.38 27.52
CA THR C 147 9.57 -18.02 28.93
C THR C 147 9.88 -16.55 29.11
N GLN C 148 9.80 -16.09 30.34
CA GLN C 148 10.16 -14.72 30.66
C GLN C 148 11.63 -14.45 30.33
N GLN C 149 12.50 -15.43 30.58
CA GLN C 149 13.89 -15.35 30.12
C GLN C 149 14.01 -15.11 28.60
N ASN C 150 13.24 -15.84 27.80
CA ASN C 150 13.28 -15.62 26.36
C ASN C 150 12.87 -14.19 26.02
N ALA C 151 11.81 -13.69 26.67
CA ALA C 151 11.34 -12.34 26.41
C ALA C 151 12.45 -11.30 26.65
N LEU C 152 13.20 -11.46 27.73
CA LEU C 152 14.32 -10.56 27.98
C LEU C 152 15.47 -10.73 26.96
N ASP C 153 15.72 -11.95 26.50
CA ASP C 153 16.67 -12.14 25.42
C ASP C 153 16.23 -11.57 24.10
N VAL C 154 14.94 -11.44 23.87
CA VAL C 154 14.46 -10.67 22.70
C VAL C 154 14.83 -9.19 22.87
N VAL C 155 14.56 -8.63 24.05
CA VAL C 155 14.88 -7.24 24.31
C VAL C 155 16.40 -7.02 24.13
N PHE C 156 17.20 -7.94 24.62
CA PHE C 156 18.65 -7.93 24.47
C PHE C 156 19.08 -7.95 23.00
N GLY C 157 18.53 -8.87 22.23
CA GLY C 157 18.80 -8.91 20.80
C GLY C 157 18.43 -7.61 20.12
N VAL C 158 17.31 -6.99 20.54
CA VAL C 158 16.91 -5.73 19.97
C VAL C 158 17.91 -4.64 20.27
N SER C 159 18.41 -4.55 21.52
CA SER C 159 19.42 -3.52 21.83
C SER C 159 20.72 -3.74 21.05
N LEU C 160 21.10 -4.98 20.81
CA LEU C 160 22.31 -5.29 20.06
C LEU C 160 22.13 -4.83 18.56
N ALA C 161 20.98 -5.18 17.99
CA ALA C 161 20.63 -4.74 16.65
C ALA C 161 20.60 -3.23 16.57
N ILE C 162 20.06 -2.57 17.61
CA ILE C 162 19.97 -1.11 17.59
C ILE C 162 21.34 -0.48 17.57
N LEU C 163 22.27 -1.01 18.36
CA LEU C 163 23.65 -0.52 18.29
C LEU C 163 24.20 -0.55 16.84
N CYS C 164 24.10 -1.71 16.21
CA CYS C 164 24.60 -1.88 14.84
C CYS C 164 23.77 -1.16 13.80
N ASN C 165 22.44 -1.23 13.90
CA ASN C 165 21.56 -0.56 12.94
C ASN C 165 21.72 0.94 12.99
N TYR C 166 21.75 1.51 14.19
CA TYR C 166 21.79 2.98 14.32
C TYR C 166 23.17 3.50 13.94
N ALA C 167 24.22 2.76 14.23
CA ALA C 167 25.58 3.14 13.83
C ALA C 167 25.72 3.18 12.32
N ASN C 168 25.33 2.11 11.66
CA ASN C 168 25.35 2.05 10.18
C ASN C 168 24.43 3.08 9.54
N ASN C 169 23.28 3.35 10.18
CA ASN C 169 22.38 4.39 9.69
C ASN C 169 23.05 5.78 9.81
N LEU C 170 23.79 5.99 10.89
CA LEU C 170 24.49 7.23 11.11
C LEU C 170 25.65 7.46 10.14
N ALA C 171 26.40 6.41 9.84
CA ALA C 171 27.54 6.49 8.92
C ALA C 171 27.14 6.25 7.46
N ASN C 172 25.98 5.69 7.20
CA ASN C 172 25.62 5.19 5.85
C ASN C 172 26.67 4.18 5.38
N THR C 173 26.99 3.24 6.26
CA THR C 173 28.06 2.29 6.02
C THR C 173 27.87 1.52 4.69
N PRO C 174 28.85 1.57 3.79
CA PRO C 174 28.66 0.86 2.51
C PRO C 174 28.80 -0.67 2.67
N ILE C 175 28.03 -1.41 1.90
CA ILE C 175 28.02 -2.86 1.96
C ILE C 175 29.23 -3.41 1.21
N ASN C 176 30.00 -4.26 1.88
CA ASN C 176 31.19 -4.89 1.28
C ASN C 176 30.81 -5.66 0.02
N PRO C 177 31.70 -5.75 -0.95
CA PRO C 177 31.45 -6.64 -2.13
C PRO C 177 31.05 -8.07 -1.77
N GLU C 178 31.75 -8.67 -0.80
CA GLU C 178 31.42 -9.96 -0.24
C GLU C 178 29.97 -10.08 0.28
N LEU C 179 29.32 -8.97 0.60
CA LEU C 179 27.95 -9.00 1.11
C LEU C 179 26.90 -8.53 0.15
N GLN C 180 27.29 -7.94 -0.97
CA GLN C 180 26.33 -7.44 -1.95
C GLN C 180 25.34 -8.50 -2.48
N PRO C 181 25.81 -9.74 -2.75
CA PRO C 181 24.84 -10.77 -3.17
C PRO C 181 23.70 -11.04 -2.16
N TYR C 182 23.96 -10.78 -0.88
CA TYR C 182 22.98 -10.99 0.16
C TYR C 182 22.10 -9.79 0.48
N ALA C 183 22.28 -8.70 -0.26
CA ALA C 183 21.54 -7.47 0.04
C ALA C 183 20.10 -7.58 -0.42
N THR D 4 -34.71 -1.18 -28.64
CA THR D 4 -34.67 -1.69 -27.22
C THR D 4 -33.43 -1.19 -26.49
N PHE D 5 -32.21 -1.73 -26.68
CA PHE D 5 -31.06 -1.20 -26.03
C PHE D 5 -30.39 -0.13 -26.92
N THR D 6 -29.78 0.85 -26.26
CA THR D 6 -29.04 1.87 -26.97
C THR D 6 -27.68 1.35 -27.39
N ILE D 7 -27.33 1.55 -28.65
CA ILE D 7 -25.99 1.39 -29.14
C ILE D 7 -25.36 2.74 -29.19
N HIS D 8 -24.50 3.05 -28.22
CA HIS D 8 -23.92 4.39 -28.10
C HIS D 8 -22.88 4.71 -29.15
N THR D 9 -22.92 5.98 -29.56
CA THR D 9 -21.82 6.64 -30.23
C THR D 9 -20.96 7.38 -29.21
N VAL D 10 -19.83 7.91 -29.68
CA VAL D 10 -18.98 8.76 -28.88
C VAL D 10 -19.78 9.90 -28.25
N GLU D 11 -20.61 10.55 -29.04
CA GLU D 11 -21.33 11.75 -28.55
C GLU D 11 -22.39 11.37 -27.51
N SER D 12 -23.10 10.28 -27.72
CA SER D 12 -24.21 9.92 -26.80
C SER D 12 -23.75 9.19 -25.54
N ALA D 13 -22.54 8.61 -25.56
CA ALA D 13 -22.11 7.76 -24.48
C ALA D 13 -21.85 8.55 -23.19
N PRO D 14 -21.99 7.90 -22.03
CA PRO D 14 -21.63 8.58 -20.79
C PRO D 14 -20.17 9.05 -20.83
N ALA D 15 -19.91 10.22 -20.23
CA ALA D 15 -18.52 10.72 -20.15
C ALA D 15 -17.49 9.66 -19.67
N GLU D 16 -17.91 8.84 -18.70
CA GLU D 16 -17.16 7.75 -18.16
C GLU D 16 -16.47 6.80 -19.15
N VAL D 17 -17.08 6.61 -20.29
CA VAL D 17 -16.51 5.67 -21.28
C VAL D 17 -16.25 6.33 -22.63
N LYS D 18 -16.39 7.66 -22.74
CA LYS D 18 -16.15 8.31 -24.01
C LYS D 18 -14.71 8.03 -24.57
N GLU D 19 -13.73 7.98 -23.66
CA GLU D 19 -12.37 7.75 -24.03
C GLU D 19 -12.16 6.35 -24.61
N ILE D 20 -12.84 5.38 -24.05
CA ILE D 20 -12.77 3.99 -24.51
C ILE D 20 -13.34 3.90 -25.94
N LEU D 21 -14.44 4.56 -26.20
CA LEU D 21 -15.04 4.55 -27.52
C LEU D 21 -14.14 5.19 -28.57
N GLU D 22 -13.52 6.32 -28.22
CA GLU D 22 -12.55 6.96 -29.13
C GLU D 22 -11.37 6.04 -29.40
N THR D 23 -10.85 5.46 -28.34
CA THR D 23 -9.73 4.55 -28.47
C THR D 23 -10.06 3.36 -29.36
N VAL D 24 -11.21 2.74 -29.10
CA VAL D 24 -11.61 1.55 -29.85
C VAL D 24 -11.84 1.91 -31.32
N GLU D 25 -12.27 3.13 -31.61
CA GLU D 25 -12.50 3.57 -32.92
C GLU D 25 -11.19 3.60 -33.74
N LYS D 26 -10.11 4.10 -33.14
CA LYS D 26 -8.80 3.98 -33.80
C LYS D 26 -8.35 2.53 -33.89
N ASP D 27 -8.46 1.83 -32.79
CA ASP D 27 -8.00 0.43 -32.76
C ASP D 27 -8.80 -0.47 -33.67
N ASN D 28 -10.06 -0.18 -33.94
CA ASN D 28 -10.79 -0.93 -34.98
C ASN D 28 -10.86 -0.06 -36.25
N ASN D 29 -9.91 0.88 -36.38
CA ASN D 29 -9.66 1.65 -37.55
C ASN D 29 -10.81 2.45 -38.13
N GLY D 30 -11.47 3.18 -37.26
CA GLY D 30 -12.60 4.03 -37.64
C GLY D 30 -13.97 3.42 -37.36
N TYR D 31 -14.02 2.15 -36.92
CA TYR D 31 -15.26 1.53 -36.60
C TYR D 31 -15.40 1.11 -35.13
N ILE D 32 -16.62 1.14 -34.65
CA ILE D 32 -16.92 0.65 -33.30
C ILE D 32 -17.86 -0.55 -33.40
N PRO D 33 -17.38 -1.73 -33.00
CA PRO D 33 -18.30 -2.90 -32.95
C PRO D 33 -19.46 -2.60 -32.03
N ASN D 34 -20.65 -2.98 -32.45
CA ASN D 34 -21.86 -2.60 -31.75
C ASN D 34 -21.97 -3.25 -30.38
N LEU D 35 -21.28 -4.35 -30.13
CA LEU D 35 -21.15 -4.88 -28.78
C LEU D 35 -20.60 -3.81 -27.83
N ILE D 36 -19.55 -3.11 -28.28
CA ILE D 36 -18.96 -2.04 -27.46
C ILE D 36 -19.90 -0.85 -27.25
N GLY D 37 -20.61 -0.50 -28.30
CA GLY D 37 -21.66 0.53 -28.21
C GLY D 37 -22.74 0.11 -27.23
N LEU D 38 -23.07 -1.19 -27.16
CA LEU D 38 -24.02 -1.70 -26.21
C LEU D 38 -23.53 -1.64 -24.78
N LEU D 39 -22.31 -2.11 -24.54
CA LEU D 39 -21.74 -2.16 -23.22
C LEU D 39 -21.51 -0.78 -22.63
N ALA D 40 -21.38 0.25 -23.48
CA ALA D 40 -21.25 1.62 -23.04
C ALA D 40 -22.40 2.08 -22.12
N ASN D 41 -23.56 1.41 -22.19
CA ASN D 41 -24.67 1.69 -21.30
C ASN D 41 -24.31 1.41 -19.83
N ALA D 42 -23.33 0.53 -19.60
CA ALA D 42 -22.95 0.15 -18.27
C ALA D 42 -21.44 0.28 -18.20
N PRO D 43 -20.96 1.48 -17.88
CA PRO D 43 -19.53 1.74 -17.93
C PRO D 43 -18.62 0.69 -17.30
N THR D 44 -18.97 0.17 -16.14
CA THR D 44 -18.18 -0.90 -15.50
C THR D 44 -18.04 -2.15 -16.37
N VAL D 45 -19.06 -2.50 -17.11
CA VAL D 45 -19.02 -3.65 -17.95
C VAL D 45 -18.11 -3.43 -19.15
N LEU D 46 -18.14 -2.23 -19.73
CA LEU D 46 -17.21 -1.91 -20.83
C LEU D 46 -15.77 -1.87 -20.34
N GLU D 47 -15.54 -1.32 -19.15
CA GLU D 47 -14.22 -1.30 -18.60
C GLU D 47 -13.68 -2.72 -18.42
N ALA D 48 -14.51 -3.60 -17.87
CA ALA D 48 -14.08 -4.95 -17.58
C ALA D 48 -13.76 -5.65 -18.89
N TYR D 49 -14.65 -5.52 -19.87
CA TYR D 49 -14.41 -6.13 -21.16
C TYR D 49 -13.09 -5.69 -21.80
N GLN D 50 -12.80 -4.40 -21.74
CA GLN D 50 -11.55 -3.90 -22.30
C GLN D 50 -10.32 -4.51 -21.64
N ILE D 51 -10.32 -4.55 -20.32
CA ILE D 51 -9.19 -5.07 -19.56
C ILE D 51 -9.04 -6.58 -19.78
N VAL D 52 -10.11 -7.32 -19.70
CA VAL D 52 -10.07 -8.77 -19.80
C VAL D 52 -9.71 -9.22 -21.21
N SER D 53 -10.21 -8.54 -22.23
CA SER D 53 -9.84 -8.89 -23.59
C SER D 53 -8.36 -8.60 -23.79
N SER D 54 -7.79 -7.61 -23.12
CA SER D 54 -6.39 -7.34 -23.24
C SER D 54 -5.58 -8.43 -22.53
N ILE D 55 -6.01 -8.88 -21.34
CA ILE D 55 -5.35 -9.98 -20.69
C ILE D 55 -5.47 -11.29 -21.51
N HIS D 56 -6.63 -11.48 -22.14
CA HIS D 56 -6.91 -12.62 -22.95
C HIS D 56 -5.89 -12.82 -24.06
N ARG D 57 -5.46 -11.72 -24.72
CA ARG D 57 -4.54 -11.87 -25.85
C ARG D 57 -3.09 -12.14 -25.41
N ARG D 58 -2.83 -12.32 -24.13
CA ARG D 58 -1.54 -12.62 -23.63
C ARG D 58 -1.55 -13.78 -22.67
N ASN D 59 -2.50 -14.68 -22.82
CA ASN D 59 -2.62 -15.83 -21.92
C ASN D 59 -1.96 -17.10 -22.51
N SER D 60 -2.14 -18.26 -21.88
CA SER D 60 -1.36 -19.42 -22.20
C SER D 60 -1.75 -20.16 -23.51
N LEU D 61 -2.86 -19.76 -24.14
CA LEU D 61 -3.22 -20.36 -25.39
C LEU D 61 -2.73 -19.54 -26.57
N THR D 62 -2.51 -20.22 -27.68
CA THR D 62 -2.08 -19.57 -28.90
C THR D 62 -3.27 -18.83 -29.57
N PRO D 63 -2.98 -17.92 -30.50
CA PRO D 63 -4.06 -17.23 -31.17
C PRO D 63 -5.08 -18.14 -31.83
N VAL D 64 -4.62 -19.21 -32.47
CA VAL D 64 -5.55 -20.15 -33.09
C VAL D 64 -6.38 -20.84 -32.00
N GLU D 65 -5.72 -21.21 -30.91
CA GLU D 65 -6.40 -21.86 -29.81
C GLU D 65 -7.50 -20.98 -29.19
N ARG D 66 -7.22 -19.70 -29.02
CA ARG D 66 -8.23 -18.81 -28.43
C ARG D 66 -9.47 -18.72 -29.32
N GLU D 67 -9.27 -18.67 -30.64
CA GLU D 67 -10.38 -18.63 -31.56
C GLU D 67 -11.16 -19.94 -31.58
N VAL D 68 -10.49 -21.06 -31.37
CA VAL D 68 -11.20 -22.33 -31.26
C VAL D 68 -12.15 -22.27 -30.04
N VAL D 69 -11.66 -21.80 -28.91
CA VAL D 69 -12.48 -21.68 -27.73
C VAL D 69 -13.64 -20.67 -27.98
N GLN D 70 -13.29 -19.51 -28.56
CA GLN D 70 -14.22 -18.44 -28.70
C GLN D 70 -15.33 -18.74 -29.72
N ILE D 71 -14.98 -19.35 -30.85
CA ILE D 71 -15.97 -19.72 -31.83
C ILE D 71 -16.86 -20.81 -31.30
N THR D 72 -16.28 -21.86 -30.73
CA THR D 72 -17.06 -22.97 -30.19
C THR D 72 -18.12 -22.42 -29.20
N ALA D 73 -17.71 -21.50 -28.34
CA ALA D 73 -18.62 -20.90 -27.39
C ALA D 73 -19.71 -20.06 -28.06
N ALA D 74 -19.34 -19.21 -29.03
CA ALA D 74 -20.32 -18.36 -29.68
C ALA D 74 -21.39 -19.18 -30.39
N VAL D 75 -20.97 -20.22 -31.11
CA VAL D 75 -21.92 -21.10 -31.79
C VAL D 75 -22.81 -21.85 -30.78
N THR D 76 -22.21 -22.44 -29.76
CA THR D 76 -22.96 -23.16 -28.76
C THR D 76 -23.99 -22.27 -28.04
N ASN D 77 -23.67 -21.00 -27.82
CA ASN D 77 -24.60 -20.08 -27.19
C ASN D 77 -25.52 -19.37 -28.18
N GLY D 78 -25.41 -19.69 -29.48
CA GLY D 78 -26.27 -19.11 -30.50
C GLY D 78 -26.14 -17.60 -30.62
N CYS D 79 -24.93 -17.05 -30.50
CA CYS D 79 -24.73 -15.61 -30.63
C CYS D 79 -24.22 -15.24 -32.01
N ALA D 80 -25.13 -14.69 -32.82
CA ALA D 80 -24.85 -14.33 -34.20
C ALA D 80 -23.76 -13.25 -34.32
N PHE D 81 -23.81 -12.27 -33.44
CA PHE D 81 -22.84 -11.18 -33.48
C PHE D 81 -21.40 -11.70 -33.30
N CYS D 82 -21.20 -12.53 -32.27
CA CYS D 82 -19.87 -12.98 -31.92
C CYS D 82 -19.36 -14.02 -32.89
N VAL D 83 -20.24 -14.82 -33.50
CA VAL D 83 -19.82 -15.68 -34.60
C VAL D 83 -19.28 -14.82 -35.74
N ALA D 84 -19.99 -13.71 -36.05
CA ALA D 84 -19.57 -12.86 -37.16
C ALA D 84 -18.19 -12.22 -36.87
N GLY D 85 -18.05 -11.70 -35.63
CA GLY D 85 -16.84 -11.02 -35.28
C GLY D 85 -15.65 -11.94 -35.27
N HIS D 86 -15.80 -13.11 -34.63
CA HIS D 86 -14.71 -14.05 -34.53
C HIS D 86 -14.33 -14.70 -35.87
N THR D 87 -15.30 -14.86 -36.75
CA THR D 87 -15.03 -15.32 -38.10
C THR D 87 -14.22 -14.27 -38.86
N ALA D 88 -14.64 -13.01 -38.78
CA ALA D 88 -13.91 -11.89 -39.38
C ALA D 88 -12.43 -11.83 -38.87
N PHE D 89 -12.28 -11.98 -37.57
CA PHE D 89 -10.99 -11.91 -36.93
C PHE D 89 -10.12 -13.12 -37.26
N SER D 90 -10.68 -14.30 -37.28
CA SER D 90 -9.97 -15.52 -37.65
C SER D 90 -9.49 -15.49 -39.11
N ILE D 91 -10.30 -14.92 -39.99
CA ILE D 91 -9.90 -14.77 -41.39
C ILE D 91 -8.91 -13.64 -41.57
N LYS D 92 -9.20 -12.46 -41.05
CA LYS D 92 -8.34 -11.27 -41.28
C LYS D 92 -7.02 -11.28 -40.52
N GLN D 93 -7.06 -11.68 -39.26
CA GLN D 93 -5.90 -11.57 -38.39
C GLN D 93 -5.12 -12.89 -38.23
N ILE D 94 -5.82 -14.03 -38.14
CA ILE D 94 -5.12 -15.29 -37.92
C ILE D 94 -4.87 -16.07 -39.23
N GLN D 95 -5.54 -15.70 -40.32
CA GLN D 95 -5.40 -16.41 -41.60
C GLN D 95 -5.67 -17.89 -41.45
N MET D 96 -6.73 -18.20 -40.70
CA MET D 96 -7.20 -19.55 -40.47
C MET D 96 -7.73 -20.15 -41.77
N ASN D 97 -7.51 -21.44 -41.97
CA ASN D 97 -7.99 -22.08 -43.18
C ASN D 97 -9.50 -22.22 -43.21
N ASP D 98 -10.09 -21.99 -44.39
CA ASP D 98 -11.53 -22.11 -44.57
C ASP D 98 -12.11 -23.44 -44.00
N ASP D 99 -11.29 -24.47 -44.05
CA ASP D 99 -11.77 -25.71 -43.54
C ASP D 99 -11.90 -25.73 -42.02
N LEU D 100 -11.00 -25.09 -41.32
CA LEU D 100 -11.06 -25.05 -39.85
C LEU D 100 -12.22 -24.16 -39.42
N ILE D 101 -12.44 -23.04 -40.10
CA ILE D 101 -13.46 -22.08 -39.72
C ILE D 101 -14.83 -22.72 -39.91
N GLN D 102 -14.99 -23.49 -40.98
CA GLN D 102 -16.21 -24.19 -41.23
C GLN D 102 -16.45 -25.27 -40.20
N ALA D 103 -15.40 -25.98 -39.82
CA ALA D 103 -15.51 -26.97 -38.76
C ALA D 103 -15.95 -26.31 -37.43
N LEU D 104 -15.42 -25.14 -37.14
CA LEU D 104 -15.73 -24.47 -35.87
C LEU D 104 -17.17 -23.92 -35.89
N ARG D 105 -17.57 -23.35 -37.02
CA ARG D 105 -18.89 -22.77 -37.18
C ARG D 105 -20.00 -23.84 -37.19
N ASN D 106 -19.71 -25.08 -37.53
CA ASN D 106 -20.69 -26.14 -37.60
C ASN D 106 -20.62 -27.08 -36.44
N ARG D 107 -19.63 -26.90 -35.53
CA ARG D 107 -19.36 -27.86 -34.46
C ARG D 107 -19.09 -29.25 -35.02
N THR D 108 -18.24 -29.27 -36.04
CA THR D 108 -17.84 -30.48 -36.74
C THR D 108 -16.44 -30.88 -36.27
N PRO D 109 -16.10 -32.15 -36.28
CA PRO D 109 -14.75 -32.56 -35.88
C PRO D 109 -13.63 -31.87 -36.68
N ILE D 110 -12.52 -31.65 -36.01
CA ILE D 110 -11.36 -31.05 -36.62
C ILE D 110 -10.48 -32.20 -37.07
N GLU D 111 -10.73 -32.65 -38.28
CA GLU D 111 -10.04 -33.80 -38.82
C GLU D 111 -8.54 -33.70 -38.96
N THR D 112 -8.01 -32.52 -39.16
CA THR D 112 -6.59 -32.38 -39.36
C THR D 112 -5.72 -32.13 -38.15
N ASP D 113 -6.26 -31.57 -37.10
CA ASP D 113 -5.49 -31.28 -35.90
C ASP D 113 -6.23 -31.76 -34.69
N PRO D 114 -5.90 -32.96 -34.28
CA PRO D 114 -6.44 -33.71 -33.17
C PRO D 114 -6.22 -33.02 -31.83
N LYS D 115 -5.18 -32.22 -31.69
CA LYS D 115 -4.98 -31.51 -30.46
C LYS D 115 -5.98 -30.39 -30.39
N LEU D 116 -6.25 -29.80 -31.55
CA LEU D 116 -7.20 -28.75 -31.66
C LEU D 116 -8.59 -29.32 -31.59
N ASP D 117 -8.77 -30.56 -31.99
CA ASP D 117 -10.07 -31.21 -31.88
C ASP D 117 -10.38 -31.47 -30.41
N THR D 118 -9.34 -31.78 -29.65
CA THR D 118 -9.46 -32.04 -28.24
C THR D 118 -9.78 -30.77 -27.52
N LEU D 119 -9.19 -29.68 -27.98
CA LEU D 119 -9.47 -28.42 -27.40
C LEU D 119 -10.93 -28.02 -27.57
N ALA D 120 -11.46 -28.18 -28.75
CA ALA D 120 -12.85 -27.87 -29.06
C ALA D 120 -13.80 -28.72 -28.23
N LYS D 121 -13.51 -30.02 -28.15
CA LYS D 121 -14.32 -30.92 -27.35
C LYS D 121 -14.27 -30.57 -25.85
N PHE D 122 -13.10 -30.25 -25.34
CA PHE D 122 -12.98 -29.84 -23.98
C PHE D 122 -13.77 -28.54 -23.67
N THR D 123 -13.76 -27.63 -24.61
CA THR D 123 -14.46 -26.38 -24.49
C THR D 123 -15.93 -26.63 -24.45
N LEU D 124 -16.41 -27.49 -25.31
CA LEU D 124 -17.80 -27.83 -25.32
C LEU D 124 -18.15 -28.55 -24.03
N ALA D 125 -17.28 -29.42 -23.55
CA ALA D 125 -17.54 -30.12 -22.32
C ALA D 125 -17.60 -29.17 -21.14
N VAL D 126 -16.74 -28.17 -21.14
CA VAL D 126 -16.74 -27.20 -20.09
C VAL D 126 -18.07 -26.48 -20.09
N ILE D 127 -18.50 -26.02 -21.25
CA ILE D 127 -19.73 -25.28 -21.37
C ILE D 127 -20.98 -26.03 -20.95
N ASN D 128 -21.10 -27.27 -21.36
CA ASN D 128 -22.26 -28.07 -21.08
C ASN D 128 -22.37 -28.55 -19.65
N THR D 129 -21.27 -28.64 -18.96
CA THR D 129 -21.23 -29.22 -17.64
C THR D 129 -20.99 -28.23 -16.52
N LYS D 130 -20.90 -26.96 -16.87
CA LYS D 130 -20.60 -25.89 -15.96
C LYS D 130 -19.24 -26.13 -15.35
N GLY D 131 -18.34 -26.61 -16.17
CA GLY D 131 -16.98 -26.90 -15.78
C GLY D 131 -16.76 -28.21 -15.09
N ARG D 132 -17.79 -29.00 -14.87
CA ARG D 132 -17.65 -30.29 -14.23
C ARG D 132 -17.46 -31.34 -15.31
N VAL D 133 -16.35 -31.28 -16.01
CA VAL D 133 -16.12 -32.13 -17.13
C VAL D 133 -15.92 -33.58 -16.80
N GLY D 134 -15.48 -33.85 -15.59
CA GLY D 134 -15.22 -35.19 -15.15
C GLY D 134 -13.81 -35.63 -15.49
N ASP D 135 -13.29 -36.51 -14.64
CA ASP D 135 -11.92 -36.96 -14.69
C ASP D 135 -11.42 -37.45 -16.05
N GLU D 136 -12.25 -38.14 -16.79
CA GLU D 136 -11.86 -38.73 -18.07
C GLU D 136 -11.60 -37.64 -19.11
N ALA D 137 -12.52 -36.69 -19.20
CA ALA D 137 -12.40 -35.59 -20.15
C ALA D 137 -11.18 -34.72 -19.82
N LEU D 138 -10.97 -34.46 -18.53
CA LEU D 138 -9.83 -33.71 -18.10
C LEU D 138 -8.53 -34.40 -18.47
N SER D 139 -8.42 -35.67 -18.13
CA SER D 139 -7.20 -36.44 -18.44
C SER D 139 -6.93 -36.50 -19.95
N GLU D 140 -7.97 -36.68 -20.76
CA GLU D 140 -7.77 -36.66 -22.20
C GLU D 140 -7.29 -35.31 -22.71
N PHE D 141 -7.78 -34.23 -22.12
CA PHE D 141 -7.30 -32.89 -22.43
C PHE D 141 -5.83 -32.73 -22.10
N LEU D 142 -5.42 -33.14 -20.89
CA LEU D 142 -4.00 -33.07 -20.52
C LEU D 142 -3.15 -34.01 -21.35
N GLU D 143 -3.64 -35.23 -21.59
CA GLU D 143 -2.94 -36.20 -22.39
C GLU D 143 -2.69 -35.75 -23.84
N ALA D 144 -3.54 -34.85 -24.34
CA ALA D 144 -3.36 -34.34 -25.69
C ALA D 144 -2.22 -33.32 -25.78
N GLY D 145 -1.56 -33.00 -24.66
CA GLY D 145 -0.52 -31.97 -24.67
C GLY D 145 -0.79 -30.76 -23.81
N TYR D 146 -2.00 -30.51 -23.43
CA TYR D 146 -2.38 -29.30 -22.63
C TYR D 146 -2.08 -29.44 -21.14
N THR D 147 -1.89 -28.33 -20.48
CA THR D 147 -1.64 -28.27 -19.04
C THR D 147 -2.88 -27.84 -18.25
N GLN D 148 -2.75 -27.91 -16.94
CA GLN D 148 -3.78 -27.43 -16.04
C GLN D 148 -3.98 -25.93 -16.24
N GLN D 149 -2.89 -25.18 -16.45
CA GLN D 149 -2.99 -23.77 -16.81
C GLN D 149 -3.81 -23.55 -18.09
N ASN D 150 -3.54 -24.33 -19.14
CA ASN D 150 -4.37 -24.18 -20.34
C ASN D 150 -5.85 -24.40 -20.04
N ALA D 151 -6.15 -25.39 -19.22
CA ALA D 151 -7.53 -25.73 -18.92
C ALA D 151 -8.23 -24.58 -18.20
N LEU D 152 -7.54 -23.91 -17.30
CA LEU D 152 -8.10 -22.73 -16.65
C LEU D 152 -8.24 -21.55 -17.63
N ASP D 153 -7.33 -21.42 -18.58
CA ASP D 153 -7.51 -20.44 -19.65
C ASP D 153 -8.65 -20.77 -20.58
N VAL D 154 -9.04 -22.03 -20.72
CA VAL D 154 -10.29 -22.35 -21.44
C VAL D 154 -11.48 -21.84 -20.64
N VAL D 155 -11.52 -22.11 -19.34
CA VAL D 155 -12.63 -21.63 -18.51
C VAL D 155 -12.70 -20.10 -18.61
N PHE D 156 -11.53 -19.43 -18.60
CA PHE D 156 -11.45 -17.99 -18.74
C PHE D 156 -11.99 -17.49 -20.08
N GLY D 157 -11.56 -18.13 -21.17
CA GLY D 157 -12.14 -17.82 -22.49
C GLY D 157 -13.63 -18.02 -22.51
N VAL D 158 -14.12 -19.09 -21.93
CA VAL D 158 -15.56 -19.36 -21.87
C VAL D 158 -16.29 -18.29 -21.06
N SER D 159 -15.74 -17.83 -19.93
CA SER D 159 -16.39 -16.72 -19.19
C SER D 159 -16.42 -15.42 -20.00
N LEU D 160 -15.37 -15.16 -20.77
CA LEU D 160 -15.34 -13.96 -21.60
C LEU D 160 -16.33 -14.08 -22.73
N ALA D 161 -16.35 -15.21 -23.43
CA ALA D 161 -17.39 -15.47 -24.46
C ALA D 161 -18.78 -15.28 -23.87
N ILE D 162 -19.01 -15.80 -22.69
CA ILE D 162 -20.31 -15.74 -22.06
C ILE D 162 -20.74 -14.32 -21.78
N LEU D 163 -19.82 -13.48 -21.33
CA LEU D 163 -20.14 -12.06 -21.16
C LEU D 163 -20.64 -11.46 -22.46
N CYS D 164 -19.88 -11.63 -23.55
CA CYS D 164 -20.27 -11.09 -24.83
C CYS D 164 -21.47 -11.78 -25.45
N ASN D 165 -21.53 -13.11 -25.38
CA ASN D 165 -22.61 -13.88 -25.99
C ASN D 165 -23.94 -13.55 -25.34
N TYR D 166 -23.98 -13.53 -24.00
CA TYR D 166 -25.24 -13.33 -23.30
C TYR D 166 -25.70 -11.88 -23.44
N ALA D 167 -24.77 -10.94 -23.45
CA ALA D 167 -25.13 -9.52 -23.64
C ALA D 167 -25.74 -9.29 -25.01
N ASN D 168 -25.11 -9.82 -26.06
CA ASN D 168 -25.65 -9.67 -27.42
C ASN D 168 -26.97 -10.42 -27.57
N ASN D 169 -27.12 -11.59 -26.96
CA ASN D 169 -28.41 -12.32 -27.04
C ASN D 169 -29.53 -11.51 -26.37
N LEU D 170 -29.22 -10.87 -25.27
CA LEU D 170 -30.20 -10.05 -24.56
C LEU D 170 -30.68 -8.82 -25.35
N ALA D 171 -29.74 -8.15 -26.00
CA ALA D 171 -30.01 -6.93 -26.74
C ALA D 171 -30.38 -7.19 -28.19
N ASN D 172 -30.12 -8.39 -28.72
CA ASN D 172 -30.29 -8.66 -30.17
C ASN D 172 -29.45 -7.69 -30.98
N THR D 173 -28.17 -7.63 -30.63
CA THR D 173 -27.27 -6.61 -31.15
C THR D 173 -27.21 -6.67 -32.68
N PRO D 174 -27.46 -5.53 -33.36
CA PRO D 174 -27.36 -5.54 -34.82
C PRO D 174 -25.91 -5.64 -35.31
N ILE D 175 -25.74 -6.42 -36.38
CA ILE D 175 -24.39 -6.71 -36.88
C ILE D 175 -23.92 -5.52 -37.72
N ASN D 176 -22.77 -4.94 -37.35
CA ASN D 176 -22.14 -3.86 -38.10
C ASN D 176 -21.92 -4.30 -39.55
N PRO D 177 -22.03 -3.36 -40.51
CA PRO D 177 -21.63 -3.67 -41.89
C PRO D 177 -20.21 -4.20 -42.02
N GLU D 178 -19.27 -3.80 -41.15
CA GLU D 178 -17.94 -4.45 -41.11
C GLU D 178 -18.00 -5.99 -40.94
N LEU D 179 -19.03 -6.48 -40.27
CA LEU D 179 -19.05 -7.91 -39.88
C LEU D 179 -20.07 -8.74 -40.63
N GLN D 180 -21.04 -8.11 -41.27
CA GLN D 180 -22.13 -8.82 -41.95
C GLN D 180 -21.69 -9.87 -42.97
N PRO D 181 -20.64 -9.57 -43.78
CA PRO D 181 -20.17 -10.59 -44.72
C PRO D 181 -19.67 -11.87 -44.08
N TYR D 182 -19.42 -11.87 -42.77
CA TYR D 182 -18.90 -13.00 -42.05
C TYR D 182 -19.92 -13.63 -41.13
N ALA D 183 -21.18 -13.18 -41.18
CA ALA D 183 -22.19 -13.69 -40.26
C ALA D 183 -22.48 -15.18 -40.52
N THR E 3 1.24 -10.24 32.01
CA THR E 3 1.81 -11.23 33.00
C THR E 3 3.10 -10.72 33.68
N THR E 4 3.34 -11.15 34.92
CA THR E 4 4.24 -10.49 35.83
C THR E 4 5.60 -11.17 35.84
N PHE E 5 6.65 -10.37 35.74
CA PHE E 5 8.02 -10.87 35.77
C PHE E 5 8.50 -11.04 37.20
N THR E 6 9.36 -12.00 37.42
CA THR E 6 9.96 -12.20 38.74
C THR E 6 11.04 -11.16 39.00
N ILE E 7 10.98 -10.48 40.12
CA ILE E 7 12.04 -9.60 40.57
C ILE E 7 12.80 -10.41 41.63
N HIS E 8 13.98 -10.87 41.26
CA HIS E 8 14.75 -11.77 42.11
C HIS E 8 15.45 -11.06 43.27
N THR E 9 15.51 -11.74 44.40
CA THR E 9 16.46 -11.46 45.49
C THR E 9 17.71 -12.34 45.33
N VAL E 10 18.71 -12.07 46.14
CA VAL E 10 19.89 -12.90 46.21
C VAL E 10 19.50 -14.37 46.43
N GLU E 11 18.57 -14.61 47.34
CA GLU E 11 18.17 -15.97 47.71
C GLU E 11 17.46 -16.67 46.54
N SER E 12 16.55 -15.96 45.85
CA SER E 12 15.77 -16.60 44.80
C SER E 12 16.49 -16.70 43.44
N ALA E 13 17.59 -16.01 43.29
CA ALA E 13 18.21 -15.84 41.97
C ALA E 13 18.86 -17.12 41.49
N PRO E 14 18.97 -17.32 40.17
CA PRO E 14 19.86 -18.39 39.67
C PRO E 14 21.27 -18.29 40.24
N ALA E 15 21.87 -19.42 40.54
CA ALA E 15 23.22 -19.49 41.14
C ALA E 15 24.25 -18.62 40.41
N GLU E 16 24.22 -18.65 39.07
CA GLU E 16 25.23 -17.92 38.28
C GLU E 16 25.27 -16.42 38.52
N VAL E 17 24.21 -15.82 39.04
CA VAL E 17 24.05 -14.40 39.17
C VAL E 17 23.99 -13.89 40.63
N LYS E 18 24.01 -14.77 41.60
CA LYS E 18 23.90 -14.37 43.00
C LYS E 18 24.98 -13.40 43.44
N GLU E 19 26.20 -13.62 42.95
CA GLU E 19 27.33 -12.76 43.33
C GLU E 19 27.15 -11.36 42.79
N ILE E 20 26.62 -11.23 41.56
CA ILE E 20 26.33 -9.92 41.00
C ILE E 20 25.28 -9.19 41.87
N LEU E 21 24.22 -9.88 42.25
CA LEU E 21 23.21 -9.30 43.10
C LEU E 21 23.77 -8.96 44.48
N GLU E 22 24.63 -9.82 45.04
CA GLU E 22 25.32 -9.48 46.29
C GLU E 22 26.17 -8.20 46.14
N THR E 23 26.91 -8.13 45.05
CA THR E 23 27.76 -6.98 44.83
C THR E 23 26.89 -5.74 44.67
N VAL E 24 25.87 -5.82 43.81
CA VAL E 24 25.01 -4.69 43.56
C VAL E 24 24.33 -4.21 44.86
N GLU E 25 23.96 -5.13 45.75
CA GLU E 25 23.31 -4.73 46.97
C GLU E 25 24.21 -3.87 47.85
N LYS E 26 25.46 -4.28 47.98
CA LYS E 26 26.42 -3.49 48.78
C LYS E 26 26.73 -2.18 48.09
N ASP E 27 26.92 -2.20 46.78
CA ASP E 27 27.21 -0.97 46.03
C ASP E 27 26.14 0.10 46.19
N ASN E 28 24.87 -0.29 46.38
CA ASN E 28 23.81 0.61 46.60
C ASN E 28 23.40 0.75 48.05
N ASN E 29 24.27 0.31 48.98
CA ASN E 29 24.10 0.53 50.40
C ASN E 29 22.82 -0.06 51.00
N GLY E 30 22.49 -1.30 50.64
CA GLY E 30 21.46 -2.04 51.33
C GLY E 30 20.28 -2.52 50.52
N TYR E 31 20.16 -2.12 49.27
CA TYR E 31 19.03 -2.52 48.43
C TYR E 31 19.50 -2.87 47.01
N ILE E 32 18.69 -3.64 46.30
CA ILE E 32 18.93 -3.99 44.92
C ILE E 32 17.89 -3.27 44.03
N PRO E 33 18.36 -2.38 43.15
CA PRO E 33 17.46 -1.78 42.18
C PRO E 33 16.77 -2.87 41.35
N ASN E 34 15.48 -2.68 41.17
CA ASN E 34 14.62 -3.72 40.63
C ASN E 34 14.94 -4.09 39.20
N LEU E 35 15.57 -3.19 38.44
CA LEU E 35 16.08 -3.56 37.10
C LEU E 35 17.00 -4.76 37.20
N ILE E 36 17.86 -4.78 38.22
CA ILE E 36 18.80 -5.88 38.41
C ILE E 36 18.08 -7.17 38.79
N GLY E 37 17.14 -7.06 39.72
CA GLY E 37 16.28 -8.19 40.08
C GLY E 37 15.54 -8.77 38.85
N LEU E 38 15.14 -7.88 37.95
CA LEU E 38 14.50 -8.31 36.71
C LEU E 38 15.47 -9.02 35.75
N LEU E 39 16.64 -8.45 35.54
CA LEU E 39 17.60 -9.01 34.58
C LEU E 39 18.15 -10.36 35.06
N ALA E 40 18.12 -10.60 36.37
CA ALA E 40 18.50 -11.87 36.95
C ALA E 40 17.81 -13.08 36.31
N ASN E 41 16.59 -12.92 35.83
CA ASN E 41 15.85 -13.97 35.16
C ASN E 41 16.63 -14.44 33.92
N ALA E 42 17.45 -13.58 33.39
CA ALA E 42 18.21 -13.93 32.21
C ALA E 42 19.66 -13.63 32.42
N PRO E 43 20.37 -14.59 32.95
CA PRO E 43 21.78 -14.49 33.27
C PRO E 43 22.65 -13.92 32.19
N THR E 44 22.51 -14.32 30.93
CA THR E 44 23.35 -13.73 29.91
C THR E 44 23.13 -12.24 29.79
N VAL E 45 21.89 -11.80 29.86
CA VAL E 45 21.56 -10.41 29.82
C VAL E 45 22.19 -9.64 30.96
N LEU E 46 22.11 -10.16 32.18
CA LEU E 46 22.72 -9.48 33.31
C LEU E 46 24.22 -9.46 33.22
N GLU E 47 24.79 -10.51 32.69
CA GLU E 47 26.20 -10.57 32.51
C GLU E 47 26.63 -9.54 31.48
N ALA E 48 25.87 -9.45 30.41
CA ALA E 48 26.18 -8.51 29.36
C ALA E 48 26.02 -7.13 29.91
N TYR E 49 24.95 -6.90 30.63
CA TYR E 49 24.71 -5.64 31.25
C TYR E 49 25.85 -5.21 32.14
N GLN E 50 26.37 -6.09 32.97
CA GLN E 50 27.48 -5.67 33.81
C GLN E 50 28.66 -5.28 32.96
N ILE E 51 29.05 -6.06 31.95
CA ILE E 51 30.20 -5.73 31.14
C ILE E 51 30.05 -4.48 30.32
N VAL E 52 28.86 -4.21 29.86
CA VAL E 52 28.68 -3.05 29.08
C VAL E 52 28.67 -1.81 29.95
N SER E 53 28.28 -1.95 31.19
CA SER E 53 28.29 -0.83 32.09
C SER E 53 29.70 -0.45 32.42
N SER E 54 30.55 -1.43 32.54
CA SER E 54 31.91 -1.15 32.85
C SER E 54 32.58 -0.49 31.70
N ILE E 55 32.28 -0.92 30.51
CA ILE E 55 32.92 -0.33 29.38
C ILE E 55 32.47 1.11 29.16
N HIS E 56 31.22 1.34 29.47
CA HIS E 56 30.56 2.62 29.38
C HIS E 56 31.30 3.61 30.23
N ARG E 57 31.76 3.15 31.37
CA ARG E 57 32.51 3.96 32.30
C ARG E 57 33.91 4.38 31.86
N ARG E 58 34.46 3.80 30.81
CA ARG E 58 35.74 4.20 30.32
C ARG E 58 35.66 4.62 28.87
N ASN E 59 34.50 5.09 28.43
CA ASN E 59 34.38 5.52 27.05
C ASN E 59 34.76 7.01 26.94
N SER E 60 34.61 7.54 25.73
CA SER E 60 35.19 8.86 25.44
C SER E 60 34.35 10.02 25.94
N LEU E 61 33.26 9.76 26.61
CA LEU E 61 32.47 10.81 27.15
C LEU E 61 32.75 10.97 28.61
N THR E 62 32.38 12.11 29.14
CA THR E 62 32.57 12.36 30.54
C THR E 62 31.38 11.90 31.32
N PRO E 63 31.52 11.75 32.61
CA PRO E 63 30.46 11.31 33.50
C PRO E 63 29.23 12.14 33.38
N VAL E 64 29.37 13.45 33.29
CA VAL E 64 28.22 14.29 33.15
C VAL E 64 27.68 14.09 31.79
N GLU E 65 28.57 14.00 30.81
CA GLU E 65 28.18 13.75 29.44
C GLU E 65 27.42 12.43 29.32
N ARG E 66 27.89 11.41 30.00
CA ARG E 66 27.22 10.13 30.01
C ARG E 66 25.83 10.24 30.57
N GLU E 67 25.64 10.99 31.64
CA GLU E 67 24.33 11.13 32.23
C GLU E 67 23.37 11.89 31.34
N VAL E 68 23.90 12.85 30.58
CA VAL E 68 23.09 13.61 29.68
C VAL E 68 22.43 12.66 28.69
N VAL E 69 23.20 11.78 28.11
CA VAL E 69 22.66 10.84 27.19
C VAL E 69 21.64 9.91 27.84
N GLN E 70 21.97 9.34 28.98
CA GLN E 70 21.10 8.35 29.64
C GLN E 70 19.79 8.95 30.11
N ILE E 71 19.79 10.15 30.69
CA ILE E 71 18.53 10.72 31.15
C ILE E 71 17.69 11.12 29.95
N THR E 72 18.29 11.77 28.97
CA THR E 72 17.57 12.12 27.75
C THR E 72 16.94 10.88 27.11
N ALA E 73 17.68 9.77 27.07
CA ALA E 73 17.11 8.50 26.58
C ALA E 73 15.97 7.97 27.47
N ALA E 74 16.17 7.99 28.79
CA ALA E 74 15.12 7.48 29.69
C ALA E 74 13.86 8.30 29.57
N VAL E 75 13.99 9.61 29.46
CA VAL E 75 12.79 10.48 29.36
C VAL E 75 12.09 10.25 28.01
N THR E 76 12.87 10.25 26.95
CA THR E 76 12.33 10.02 25.62
C THR E 76 11.65 8.68 25.47
N ASN E 77 12.17 7.62 26.12
CA ASN E 77 11.59 6.30 26.07
C ASN E 77 10.52 6.09 27.14
N GLY E 78 10.22 7.09 27.96
CA GLY E 78 9.15 7.00 28.93
C GLY E 78 9.40 5.95 29.98
N CYS E 79 10.63 5.80 30.44
CA CYS E 79 10.96 4.79 31.45
C CYS E 79 11.16 5.46 32.81
N ALA E 80 10.18 5.29 33.67
CA ALA E 80 10.15 6.03 34.95
C ALA E 80 11.23 5.54 35.86
N PHE E 81 11.43 4.20 35.89
CA PHE E 81 12.49 3.60 36.68
C PHE E 81 13.84 4.22 36.38
N CYS E 82 14.26 4.12 35.12
CA CYS E 82 15.57 4.65 34.75
C CYS E 82 15.67 6.18 34.92
N VAL E 83 14.55 6.88 34.76
CA VAL E 83 14.53 8.28 35.15
C VAL E 83 14.84 8.43 36.65
N ALA E 84 14.22 7.61 37.46
CA ALA E 84 14.48 7.69 38.92
C ALA E 84 15.92 7.26 39.22
N GLY E 85 16.36 6.18 38.58
CA GLY E 85 17.72 5.69 38.82
C GLY E 85 18.78 6.73 38.51
N HIS E 86 18.68 7.29 37.31
CA HIS E 86 19.72 8.22 36.87
C HIS E 86 19.69 9.55 37.58
N THR E 87 18.52 9.99 38.03
CA THR E 87 18.44 11.22 38.85
C THR E 87 19.19 11.05 40.16
N ALA E 88 18.92 9.94 40.86
CA ALA E 88 19.59 9.67 42.14
C ALA E 88 21.10 9.53 41.96
N PHE E 89 21.51 8.84 40.89
CA PHE E 89 22.93 8.73 40.57
C PHE E 89 23.59 10.11 40.26
N SER E 90 22.86 10.94 39.53
CA SER E 90 23.35 12.26 39.17
C SER E 90 23.43 13.19 40.37
N ILE E 91 22.52 13.10 41.33
CA ILE E 91 22.56 13.92 42.52
C ILE E 91 23.64 13.40 43.49
N LYS E 92 23.71 12.06 43.74
CA LYS E 92 24.59 11.57 44.78
C LYS E 92 26.02 11.40 44.33
N GLN E 93 26.22 10.63 43.28
CA GLN E 93 27.57 10.36 42.80
C GLN E 93 28.20 11.54 42.04
N ILE E 94 27.53 12.01 41.00
CA ILE E 94 28.07 13.07 40.21
C ILE E 94 27.96 14.44 40.80
N GLN E 95 27.04 14.61 41.74
CA GLN E 95 26.76 15.90 42.37
C GLN E 95 26.53 16.92 41.27
N MET E 96 25.52 16.67 40.46
CA MET E 96 25.17 17.50 39.35
C MET E 96 24.31 18.66 39.74
N ASN E 97 24.52 19.77 39.06
CA ASN E 97 23.79 20.97 39.28
C ASN E 97 22.30 20.72 39.19
N ASP E 98 21.56 21.27 40.15
CA ASP E 98 20.12 21.12 40.22
C ASP E 98 19.41 21.55 38.95
N ASP E 99 19.83 22.66 38.40
CA ASP E 99 19.23 23.15 37.19
C ASP E 99 19.63 22.31 35.98
N LEU E 100 20.79 21.70 36.02
CA LEU E 100 21.23 20.86 34.95
C LEU E 100 20.37 19.62 34.91
N ILE E 101 20.07 19.08 36.07
CA ILE E 101 19.26 17.89 36.17
C ILE E 101 17.84 18.10 35.73
N GLN E 102 17.25 19.19 36.17
CA GLN E 102 15.90 19.54 35.83
C GLN E 102 15.77 19.68 34.33
N ALA E 103 16.71 20.37 33.71
CA ALA E 103 16.73 20.51 32.26
C ALA E 103 16.78 19.15 31.54
N LEU E 104 17.56 18.21 32.04
CA LEU E 104 17.60 16.87 31.50
C LEU E 104 16.30 16.11 31.72
N ARG E 105 15.79 16.17 32.94
CA ARG E 105 14.53 15.48 33.28
C ARG E 105 13.32 16.01 32.47
N ASN E 106 13.33 17.32 32.17
CA ASN E 106 12.22 17.93 31.46
C ASN E 106 12.46 18.17 30.01
N ARG E 107 13.66 17.82 29.49
CA ARG E 107 13.97 17.98 28.04
C ARG E 107 13.87 19.47 27.66
N THR E 108 14.69 20.25 28.34
CA THR E 108 14.67 21.69 28.34
C THR E 108 16.08 22.16 28.00
N PRO E 109 16.19 23.34 27.35
CA PRO E 109 17.52 23.82 27.00
C PRO E 109 18.47 23.94 28.18
N ILE E 110 19.69 23.51 27.97
CA ILE E 110 20.70 23.59 28.98
C ILE E 110 21.32 24.93 28.77
N GLU E 111 20.81 25.91 29.50
CA GLU E 111 21.29 27.25 29.33
C GLU E 111 22.66 27.47 29.91
N THR E 112 23.08 26.65 30.87
CA THR E 112 24.40 26.78 31.44
C THR E 112 25.53 26.25 30.55
N ASP E 113 25.23 25.32 29.64
CA ASP E 113 26.29 24.77 28.79
C ASP E 113 25.88 24.30 27.40
N PRO E 114 26.16 25.11 26.39
CA PRO E 114 25.88 24.89 24.97
C PRO E 114 26.48 23.64 24.42
N LYS E 115 27.63 23.19 24.90
CA LYS E 115 28.19 21.95 24.42
C LYS E 115 27.34 20.82 24.96
N LEU E 116 26.90 20.93 26.19
CA LEU E 116 26.01 19.93 26.72
C LEU E 116 24.62 19.95 26.06
N ASP E 117 24.15 21.11 25.66
CA ASP E 117 22.86 21.22 24.99
C ASP E 117 22.88 20.63 23.62
N THR E 118 23.99 20.77 22.90
CA THR E 118 24.21 20.08 21.61
C THR E 118 24.22 18.57 21.80
N LEU E 119 24.79 18.11 22.91
CA LEU E 119 24.83 16.69 23.18
C LEU E 119 23.43 16.13 23.37
N ALA E 120 22.65 16.78 24.22
CA ALA E 120 21.28 16.32 24.50
C ALA E 120 20.41 16.36 23.24
N LYS E 121 20.56 17.41 22.45
CA LYS E 121 19.88 17.46 21.15
C LYS E 121 20.37 16.34 20.19
N PHE E 122 21.66 16.07 20.19
CA PHE E 122 22.17 15.03 19.33
C PHE E 122 21.66 13.65 19.75
N THR E 123 21.64 13.39 21.05
CA THR E 123 21.12 12.15 21.59
C THR E 123 19.67 11.92 21.18
N LEU E 124 18.89 12.99 21.35
CA LEU E 124 17.49 12.98 20.99
C LEU E 124 17.32 12.70 19.50
N ALA E 125 18.10 13.35 18.66
CA ALA E 125 18.04 13.08 17.23
C ALA E 125 18.36 11.64 16.91
N VAL E 126 19.37 11.06 17.56
CA VAL E 126 19.71 9.65 17.32
C VAL E 126 18.49 8.74 17.65
N ILE E 127 17.86 8.99 18.81
CA ILE E 127 16.74 8.17 19.21
C ILE E 127 15.55 8.23 18.26
N ASN E 128 15.14 9.44 17.92
CA ASN E 128 13.99 9.66 17.04
C ASN E 128 14.21 9.26 15.61
N THR E 129 15.46 9.21 15.13
CA THR E 129 15.69 8.97 13.71
C THR E 129 16.35 7.64 13.40
N LYS E 130 16.58 6.82 14.44
CA LYS E 130 17.29 5.55 14.30
C LYS E 130 18.69 5.73 13.70
N GLY E 131 19.37 6.80 14.14
CA GLY E 131 20.70 7.13 13.62
C GLY E 131 20.75 7.99 12.35
N ARG E 132 19.65 8.15 11.64
CA ARG E 132 19.59 9.01 10.45
C ARG E 132 19.37 10.45 10.85
N VAL E 133 20.35 11.03 11.52
CA VAL E 133 20.21 12.36 12.11
C VAL E 133 20.28 13.47 11.07
N GLY E 134 20.82 13.15 9.89
CA GLY E 134 20.99 14.13 8.83
C GLY E 134 22.30 14.88 9.00
N ASP E 135 22.85 15.30 7.87
CA ASP E 135 24.16 15.97 7.85
C ASP E 135 24.27 17.20 8.76
N GLU E 136 23.21 17.98 8.85
CA GLU E 136 23.24 19.21 9.63
C GLU E 136 23.34 18.93 11.13
N ALA E 137 22.63 17.93 11.63
CA ALA E 137 22.69 17.57 13.05
C ALA E 137 24.09 17.05 13.39
N LEU E 138 24.64 16.18 12.55
CA LEU E 138 25.93 15.63 12.82
C LEU E 138 27.03 16.74 12.83
N SER E 139 26.99 17.63 11.84
CA SER E 139 27.98 18.67 11.78
C SER E 139 27.82 19.72 12.85
N GLU E 140 26.61 20.03 13.28
CA GLU E 140 26.45 20.85 14.50
C GLU E 140 27.07 20.17 15.73
N PHE E 141 26.90 18.86 15.82
CA PHE E 141 27.51 18.10 16.90
C PHE E 141 29.02 18.17 16.88
N LEU E 142 29.61 17.94 15.70
CA LEU E 142 31.05 18.07 15.53
C LEU E 142 31.54 19.49 15.76
N GLU E 143 30.83 20.47 15.21
CA GLU E 143 31.26 21.85 15.30
C GLU E 143 31.19 22.38 16.74
N ALA E 144 30.38 21.75 17.61
CA ALA E 144 30.43 22.09 19.03
C ALA E 144 31.68 21.55 19.74
N GLY E 145 32.53 20.79 19.01
CA GLY E 145 33.77 20.26 19.55
C GLY E 145 33.75 18.78 19.93
N TYR E 146 32.76 18.03 19.48
CA TYR E 146 32.72 16.57 19.70
C TYR E 146 33.33 15.90 18.46
N THR E 147 33.83 14.69 18.66
CA THR E 147 34.47 13.91 17.62
C THR E 147 33.57 12.84 17.06
N GLN E 148 33.94 12.30 15.93
CA GLN E 148 33.21 11.17 15.34
C GLN E 148 33.15 9.99 16.33
N GLN E 149 34.22 9.83 17.12
CA GLN E 149 34.20 8.89 18.23
C GLN E 149 33.12 9.22 19.25
N ASN E 150 33.03 10.45 19.73
CA ASN E 150 31.93 10.80 20.66
C ASN E 150 30.56 10.42 20.07
N ALA E 151 30.36 10.67 18.76
CA ALA E 151 29.10 10.41 18.15
C ALA E 151 28.72 8.91 18.24
N LEU E 152 29.71 8.03 18.02
CA LEU E 152 29.49 6.62 18.18
C LEU E 152 29.28 6.20 19.63
N ASP E 153 30.00 6.81 20.56
CA ASP E 153 29.72 6.58 21.98
C ASP E 153 28.36 7.10 22.41
N VAL E 154 27.80 8.04 21.67
CA VAL E 154 26.40 8.42 21.91
C VAL E 154 25.48 7.28 21.48
N VAL E 155 25.70 6.74 20.28
CA VAL E 155 24.90 5.63 19.79
C VAL E 155 24.98 4.45 20.78
N PHE E 156 26.18 4.21 21.31
CA PHE E 156 26.40 3.16 22.29
C PHE E 156 25.64 3.40 23.59
N GLY E 157 25.75 4.60 24.14
CA GLY E 157 24.93 5.00 25.29
C GLY E 157 23.43 4.79 25.03
N VAL E 158 23.00 5.09 23.82
CA VAL E 158 21.61 4.92 23.45
C VAL E 158 21.20 3.44 23.45
N SER E 159 22.04 2.57 22.89
CA SER E 159 21.71 1.12 22.88
C SER E 159 21.67 0.55 24.29
N LEU E 160 22.54 1.00 25.18
CA LEU E 160 22.53 0.51 26.56
C LEU E 160 21.26 1.01 27.29
N ALA E 161 20.95 2.29 27.15
CA ALA E 161 19.70 2.85 27.72
C ALA E 161 18.48 2.06 27.22
N ILE E 162 18.48 1.75 25.93
CA ILE E 162 17.39 1.04 25.33
C ILE E 162 17.22 -0.36 25.93
N LEU E 163 18.32 -1.05 26.19
CA LEU E 163 18.24 -2.33 26.86
C LEU E 163 17.47 -2.21 28.19
N CYS E 164 17.89 -1.31 29.05
CA CYS E 164 17.23 -1.12 30.36
C CYS E 164 15.82 -0.51 30.25
N ASN E 165 15.68 0.49 29.37
CA ASN E 165 14.42 1.21 29.23
C ASN E 165 13.32 0.27 28.71
N TYR E 166 13.65 -0.54 27.66
CA TYR E 166 12.66 -1.41 27.09
C TYR E 166 12.37 -2.59 27.99
N ALA E 167 13.39 -3.18 28.63
CA ALA E 167 13.14 -4.26 29.60
C ALA E 167 12.20 -3.84 30.75
N ASN E 168 12.46 -2.66 31.29
CA ASN E 168 11.66 -2.09 32.38
C ASN E 168 10.25 -1.73 31.89
N ASN E 169 10.10 -1.14 30.70
CA ASN E 169 8.80 -0.87 30.14
C ASN E 169 7.99 -2.18 29.93
N LEU E 170 8.68 -3.20 29.49
CA LEU E 170 8.06 -4.50 29.28
C LEU E 170 7.60 -5.18 30.57
N ALA E 171 8.39 -5.10 31.61
CA ALA E 171 8.04 -5.67 32.93
C ALA E 171 7.26 -4.70 33.82
N ASN E 172 7.14 -3.46 33.44
CA ASN E 172 6.52 -2.39 34.23
C ASN E 172 7.17 -2.32 35.62
N THR E 173 8.50 -2.30 35.59
CA THR E 173 9.33 -2.42 36.77
C THR E 173 8.96 -1.34 37.80
N PRO E 174 8.65 -1.73 39.04
CA PRO E 174 8.32 -0.70 40.03
C PRO E 174 9.59 0.00 40.53
N ILE E 175 9.43 1.25 40.89
CA ILE E 175 10.50 2.05 41.48
C ILE E 175 10.62 1.67 42.96
N ASN E 176 11.82 1.18 43.34
CA ASN E 176 12.12 0.84 44.74
C ASN E 176 11.85 2.06 45.62
N PRO E 177 11.35 1.85 46.86
CA PRO E 177 11.09 2.99 47.75
C PRO E 177 12.27 3.93 47.98
N GLU E 178 13.47 3.38 48.06
CA GLU E 178 14.71 4.18 48.08
C GLU E 178 14.86 5.14 46.89
N LEU E 179 14.24 4.83 45.75
CA LEU E 179 14.31 5.69 44.58
C LEU E 179 13.07 6.53 44.34
N GLN E 180 11.98 6.30 45.07
CA GLN E 180 10.76 7.06 44.87
C GLN E 180 10.91 8.60 45.01
N PRO E 181 11.71 9.08 45.95
CA PRO E 181 11.99 10.53 45.99
C PRO E 181 12.57 11.12 44.70
N TYR E 182 13.29 10.31 43.93
CA TYR E 182 13.97 10.78 42.73
C TYR E 182 13.18 10.58 41.44
N ALA E 183 11.97 10.03 41.54
CA ALA E 183 11.14 9.71 40.37
C ALA E 183 10.78 10.95 39.55
N PRO F 2 -2.18 -36.09 -11.56
CA PRO F 2 -2.29 -35.25 -12.77
C PRO F 2 -3.61 -34.46 -12.82
N THR F 3 -4.70 -35.05 -12.35
CA THR F 3 -6.00 -34.40 -12.47
C THR F 3 -6.42 -33.61 -11.23
N THR F 4 -5.55 -33.49 -10.23
CA THR F 4 -5.85 -32.62 -9.11
C THR F 4 -5.04 -31.37 -9.28
N PHE F 5 -5.60 -30.24 -8.95
CA PHE F 5 -4.92 -28.95 -9.18
C PHE F 5 -4.21 -28.59 -7.90
N THR F 6 -3.04 -27.98 -8.04
CA THR F 6 -2.35 -27.41 -6.91
C THR F 6 -3.04 -26.13 -6.45
N ILE F 7 -3.27 -26.05 -5.14
CA ILE F 7 -3.76 -24.85 -4.51
C ILE F 7 -2.51 -24.16 -3.94
N HIS F 8 -2.06 -23.12 -4.63
CA HIS F 8 -0.77 -22.50 -4.37
C HIS F 8 -0.76 -21.68 -3.09
N THR F 9 0.37 -21.78 -2.40
CA THR F 9 0.74 -20.84 -1.34
C THR F 9 1.61 -19.74 -1.94
N VAL F 10 1.80 -18.69 -1.13
CA VAL F 10 2.68 -17.61 -1.55
C VAL F 10 4.07 -18.16 -1.94
N GLU F 11 4.59 -19.09 -1.15
CA GLU F 11 5.86 -19.73 -1.46
C GLU F 11 5.82 -20.56 -2.74
N SER F 12 4.73 -21.26 -3.01
CA SER F 12 4.65 -22.13 -4.19
C SER F 12 4.26 -21.42 -5.48
N ALA F 13 3.69 -20.22 -5.35
CA ALA F 13 3.07 -19.56 -6.50
C ALA F 13 4.12 -19.12 -7.53
N PRO F 14 3.71 -19.06 -8.80
CA PRO F 14 4.59 -18.41 -9.79
C PRO F 14 4.95 -16.99 -9.34
N ALA F 15 6.18 -16.59 -9.63
CA ALA F 15 6.71 -15.28 -9.25
C ALA F 15 5.78 -14.12 -9.62
N GLU F 16 5.22 -14.15 -10.81
CA GLU F 16 4.31 -13.10 -11.27
C GLU F 16 3.10 -12.80 -10.37
N VAL F 17 2.68 -13.72 -9.52
CA VAL F 17 1.48 -13.48 -8.71
C VAL F 17 1.66 -13.62 -7.23
N LYS F 18 2.88 -13.72 -6.76
CA LYS F 18 3.11 -13.84 -5.30
C LYS F 18 2.62 -12.61 -4.55
N GLU F 19 2.80 -11.43 -5.15
CA GLU F 19 2.33 -10.18 -4.58
C GLU F 19 0.82 -10.15 -4.40
N ILE F 20 0.07 -10.71 -5.35
CA ILE F 20 -1.37 -10.78 -5.26
C ILE F 20 -1.80 -11.65 -4.09
N LEU F 21 -1.18 -12.83 -3.97
CA LEU F 21 -1.49 -13.70 -2.83
C LEU F 21 -1.05 -13.03 -1.53
N GLU F 22 0.14 -12.38 -1.54
CA GLU F 22 0.63 -11.65 -0.40
C GLU F 22 -0.34 -10.52 -0.01
N THR F 23 -0.84 -9.78 -0.98
CA THR F 23 -1.77 -8.73 -0.71
C THR F 23 -3.03 -9.30 -0.12
N VAL F 24 -3.65 -10.27 -0.80
CA VAL F 24 -4.90 -10.83 -0.35
C VAL F 24 -4.81 -11.35 1.10
N GLU F 25 -3.71 -12.06 1.36
CA GLU F 25 -3.49 -12.59 2.70
C GLU F 25 -3.41 -11.49 3.75
N LYS F 26 -2.63 -10.49 3.45
CA LYS F 26 -2.38 -9.37 4.38
C LYS F 26 -3.65 -8.57 4.66
N ASP F 27 -4.43 -8.35 3.62
CA ASP F 27 -5.71 -7.69 3.77
C ASP F 27 -6.68 -8.49 4.66
N ASN F 28 -6.59 -9.82 4.76
CA ASN F 28 -7.62 -10.58 5.51
C ASN F 28 -7.09 -11.50 6.64
N ASN F 29 -6.04 -11.05 7.28
CA ASN F 29 -5.43 -11.76 8.40
C ASN F 29 -4.91 -13.17 8.13
N GLY F 30 -4.13 -13.23 7.06
CA GLY F 30 -3.52 -14.51 6.65
C GLY F 30 -4.55 -15.51 6.14
N TYR F 31 -5.64 -15.06 5.54
CA TYR F 31 -6.56 -16.06 4.98
C TYR F 31 -6.61 -15.89 3.46
N ILE F 32 -6.29 -16.94 2.73
CA ILE F 32 -6.40 -16.94 1.27
C ILE F 32 -7.48 -17.94 0.81
N PRO F 33 -8.62 -17.47 0.29
CA PRO F 33 -9.62 -18.37 -0.26
C PRO F 33 -8.99 -19.27 -1.35
N ASN F 34 -9.31 -20.53 -1.31
CA ASN F 34 -8.61 -21.50 -2.14
C ASN F 34 -8.90 -21.30 -3.64
N LEU F 35 -9.98 -20.62 -3.99
CA LEU F 35 -10.17 -20.10 -5.35
C LEU F 35 -8.95 -19.32 -5.84
N ILE F 36 -8.39 -18.48 -4.99
CA ILE F 36 -7.22 -17.68 -5.35
C ILE F 36 -5.98 -18.54 -5.54
N GLY F 37 -5.76 -19.48 -4.59
CA GLY F 37 -4.67 -20.43 -4.73
C GLY F 37 -4.79 -21.27 -6.00
N LEU F 38 -6.01 -21.56 -6.43
CA LEU F 38 -6.24 -22.29 -7.65
C LEU F 38 -5.90 -21.47 -8.90
N LEU F 39 -6.39 -20.25 -8.95
CA LEU F 39 -6.22 -19.42 -10.14
C LEU F 39 -4.77 -19.02 -10.35
N ALA F 40 -3.96 -19.00 -9.28
CA ALA F 40 -2.52 -18.79 -9.39
C ALA F 40 -1.83 -19.72 -10.40
N ASN F 41 -2.41 -20.87 -10.70
CA ASN F 41 -1.90 -21.76 -11.75
C ASN F 41 -1.93 -21.10 -13.12
N ALA F 42 -2.80 -20.13 -13.32
CA ALA F 42 -2.86 -19.39 -14.59
C ALA F 42 -2.78 -17.92 -14.26
N PRO F 43 -1.56 -17.38 -14.18
CA PRO F 43 -1.38 -16.00 -13.76
C PRO F 43 -2.32 -14.97 -14.40
N THR F 44 -2.52 -15.08 -15.73
CA THR F 44 -3.42 -14.14 -16.41
C THR F 44 -4.87 -14.21 -15.88
N VAL F 45 -5.30 -15.37 -15.47
CA VAL F 45 -6.64 -15.55 -14.98
C VAL F 45 -6.79 -14.93 -13.59
N LEU F 46 -5.78 -15.07 -12.72
CA LEU F 46 -5.80 -14.44 -11.41
C LEU F 46 -5.72 -12.95 -11.50
N GLU F 47 -4.85 -12.42 -12.37
CA GLU F 47 -4.83 -11.01 -12.67
C GLU F 47 -6.23 -10.53 -13.09
N ALA F 48 -6.87 -11.29 -14.00
CA ALA F 48 -8.15 -10.89 -14.51
C ALA F 48 -9.19 -10.84 -13.40
N TYR F 49 -9.21 -11.89 -12.60
CA TYR F 49 -10.13 -12.00 -11.51
C TYR F 49 -10.00 -10.84 -10.53
N GLN F 50 -8.77 -10.46 -10.19
CA GLN F 50 -8.58 -9.38 -9.23
C GLN F 50 -9.11 -8.06 -9.74
N ILE F 51 -8.84 -7.72 -10.99
CA ILE F 51 -9.30 -6.46 -11.54
C ILE F 51 -10.84 -6.46 -11.66
N VAL F 52 -11.40 -7.51 -12.21
CA VAL F 52 -12.82 -7.58 -12.50
C VAL F 52 -13.66 -7.64 -11.23
N SER F 53 -13.19 -8.38 -10.24
CA SER F 53 -13.79 -8.39 -8.91
C SER F 53 -13.85 -6.96 -8.33
N SER F 54 -12.80 -6.21 -8.54
CA SER F 54 -12.75 -4.85 -8.08
C SER F 54 -13.68 -3.93 -8.87
N ILE F 55 -13.84 -4.13 -10.15
CA ILE F 55 -14.83 -3.38 -10.93
C ILE F 55 -16.22 -3.76 -10.47
N HIS F 56 -16.45 -5.05 -10.21
CA HIS F 56 -17.73 -5.58 -9.77
C HIS F 56 -18.26 -4.85 -8.52
N ARG F 57 -17.41 -4.58 -7.58
CA ARG F 57 -17.77 -3.93 -6.33
C ARG F 57 -18.07 -2.42 -6.46
N ARG F 58 -18.00 -1.85 -7.64
CA ARG F 58 -18.40 -0.45 -7.85
C ARG F 58 -19.30 -0.32 -9.02
N ASN F 59 -20.13 -1.33 -9.26
CA ASN F 59 -21.03 -1.30 -10.43
C ASN F 59 -22.38 -0.70 -10.00
N SER F 60 -23.38 -0.74 -10.88
CA SER F 60 -24.63 -0.03 -10.70
C SER F 60 -25.62 -0.72 -9.74
N LEU F 61 -25.32 -1.94 -9.31
CA LEU F 61 -26.14 -2.64 -8.38
C LEU F 61 -25.65 -2.41 -6.96
N THR F 62 -26.58 -2.47 -5.98
CA THR F 62 -26.14 -2.29 -4.60
C THR F 62 -25.43 -3.53 -4.07
N PRO F 63 -24.79 -3.46 -2.90
CA PRO F 63 -24.16 -4.65 -2.34
C PRO F 63 -25.12 -5.84 -2.21
N VAL F 64 -26.33 -5.61 -1.74
CA VAL F 64 -27.28 -6.70 -1.59
C VAL F 64 -27.68 -7.25 -2.95
N GLU F 65 -27.97 -6.39 -3.88
CA GLU F 65 -28.32 -6.81 -5.25
C GLU F 65 -27.17 -7.61 -5.91
N ARG F 66 -25.94 -7.22 -5.65
CA ARG F 66 -24.81 -8.04 -6.12
C ARG F 66 -24.79 -9.41 -5.52
N GLU F 67 -25.12 -9.52 -4.25
CA GLU F 67 -25.14 -10.86 -3.59
C GLU F 67 -26.30 -11.69 -4.12
N VAL F 68 -27.41 -11.05 -4.43
CA VAL F 68 -28.54 -11.76 -5.04
C VAL F 68 -28.08 -12.38 -6.35
N VAL F 69 -27.40 -11.63 -7.20
CA VAL F 69 -26.93 -12.17 -8.48
C VAL F 69 -25.92 -13.31 -8.23
N GLN F 70 -24.94 -13.07 -7.34
CA GLN F 70 -23.86 -14.01 -7.16
C GLN F 70 -24.29 -15.32 -6.51
N ILE F 71 -25.14 -15.24 -5.47
CA ILE F 71 -25.59 -16.46 -4.84
C ILE F 71 -26.52 -17.21 -5.78
N THR F 72 -27.46 -16.52 -6.40
CA THR F 72 -28.37 -17.18 -7.33
C THR F 72 -27.54 -17.94 -8.42
N ALA F 73 -26.51 -17.30 -8.94
CA ALA F 73 -25.64 -17.94 -9.93
C ALA F 73 -24.89 -19.15 -9.37
N ALA F 74 -24.28 -19.00 -8.19
CA ALA F 74 -23.52 -20.09 -7.61
C ALA F 74 -24.38 -21.32 -7.35
N VAL F 75 -25.59 -21.10 -6.83
CA VAL F 75 -26.52 -22.20 -6.59
C VAL F 75 -26.97 -22.84 -7.88
N THR F 76 -27.37 -22.03 -8.84
CA THR F 76 -27.78 -22.58 -10.15
C THR F 76 -26.65 -23.38 -10.84
N ASN F 77 -25.41 -22.95 -10.68
CA ASN F 77 -24.26 -23.65 -11.30
C ASN F 77 -23.71 -24.78 -10.42
N GLY F 78 -24.32 -25.02 -9.26
CA GLY F 78 -23.89 -26.11 -8.40
C GLY F 78 -22.46 -25.97 -7.90
N CYS F 79 -22.03 -24.75 -7.54
CA CYS F 79 -20.69 -24.55 -7.01
C CYS F 79 -20.69 -24.39 -5.50
N ALA F 80 -20.27 -25.43 -4.79
CA ALA F 80 -20.30 -25.45 -3.33
C ALA F 80 -19.40 -24.38 -2.71
N PHE F 81 -18.23 -24.20 -3.31
CA PHE F 81 -17.26 -23.24 -2.78
C PHE F 81 -17.84 -21.83 -2.80
N CYS F 82 -18.41 -21.42 -3.94
CA CYS F 82 -18.88 -20.06 -4.11
C CYS F 82 -20.14 -19.81 -3.27
N VAL F 83 -20.99 -20.81 -3.11
CA VAL F 83 -22.12 -20.67 -2.20
C VAL F 83 -21.60 -20.41 -0.78
N ALA F 84 -20.58 -21.17 -0.36
CA ALA F 84 -20.02 -20.98 0.97
C ALA F 84 -19.42 -19.59 1.14
N GLY F 85 -18.68 -19.15 0.13
CA GLY F 85 -18.02 -17.87 0.15
C GLY F 85 -18.98 -16.73 0.23
N HIS F 86 -19.97 -16.73 -0.66
CA HIS F 86 -20.93 -15.65 -0.72
C HIS F 86 -21.88 -15.63 0.48
N THR F 87 -22.17 -16.80 1.05
CA THR F 87 -22.95 -16.86 2.29
C THR F 87 -22.17 -16.23 3.43
N ALA F 88 -20.91 -16.63 3.59
CA ALA F 88 -20.05 -16.08 4.64
C ALA F 88 -19.92 -14.54 4.50
N PHE F 89 -19.78 -14.08 3.26
CA PHE F 89 -19.70 -12.66 3.00
C PHE F 89 -21.02 -11.93 3.30
N SER F 90 -22.14 -12.54 2.92
CA SER F 90 -23.44 -11.93 3.20
C SER F 90 -23.75 -11.87 4.69
N ILE F 91 -23.38 -12.91 5.44
CA ILE F 91 -23.57 -12.91 6.89
C ILE F 91 -22.57 -11.99 7.60
N LYS F 92 -21.30 -12.09 7.28
CA LYS F 92 -20.27 -11.41 8.09
C LYS F 92 -20.14 -9.92 7.79
N GLN F 93 -20.14 -9.57 6.50
CA GLN F 93 -19.78 -8.27 6.06
C GLN F 93 -20.95 -7.41 5.62
N ILE F 94 -21.98 -7.99 5.05
CA ILE F 94 -23.20 -7.28 4.71
C ILE F 94 -24.23 -7.37 5.85
N GLN F 95 -24.15 -8.40 6.69
CA GLN F 95 -25.07 -8.61 7.80
C GLN F 95 -26.50 -8.70 7.28
N MET F 96 -26.67 -9.58 6.29
CA MET F 96 -27.93 -9.77 5.60
C MET F 96 -28.91 -10.42 6.54
N ASN F 97 -30.18 -10.04 6.40
CA ASN F 97 -31.20 -10.72 7.20
C ASN F 97 -31.20 -12.21 6.84
N ASP F 98 -31.34 -13.05 7.85
CA ASP F 98 -31.25 -14.50 7.71
C ASP F 98 -32.32 -15.01 6.76
N ASP F 99 -33.56 -14.53 6.89
CA ASP F 99 -34.57 -14.87 5.90
C ASP F 99 -34.16 -14.66 4.42
N LEU F 100 -33.52 -13.53 4.13
CA LEU F 100 -33.10 -13.26 2.78
C LEU F 100 -32.02 -14.21 2.28
N ILE F 101 -31.01 -14.42 3.09
CA ILE F 101 -29.93 -15.37 2.78
C ILE F 101 -30.46 -16.78 2.54
N GLN F 102 -31.44 -17.20 3.33
CA GLN F 102 -32.00 -18.55 3.14
C GLN F 102 -32.77 -18.64 1.83
N ALA F 103 -33.58 -17.63 1.57
CA ALA F 103 -34.31 -17.51 0.30
C ALA F 103 -33.37 -17.55 -0.92
N LEU F 104 -32.23 -16.87 -0.84
CA LEU F 104 -31.27 -16.90 -1.92
C LEU F 104 -30.61 -18.28 -2.07
N ARG F 105 -30.33 -18.95 -0.97
CA ARG F 105 -29.69 -20.25 -0.98
C ARG F 105 -30.59 -21.34 -1.61
N ASN F 106 -31.90 -21.24 -1.40
CA ASN F 106 -32.83 -22.20 -1.95
C ASN F 106 -33.54 -21.69 -3.19
N ARG F 107 -33.25 -20.46 -3.61
CA ARG F 107 -33.93 -19.86 -4.76
C ARG F 107 -35.46 -19.81 -4.55
N THR F 108 -35.87 -19.50 -3.35
CA THR F 108 -37.24 -19.34 -3.00
C THR F 108 -37.61 -17.87 -3.03
N PRO F 109 -38.90 -17.56 -3.19
CA PRO F 109 -39.26 -16.18 -3.45
C PRO F 109 -38.86 -15.22 -2.32
N ILE F 110 -38.48 -14.04 -2.74
CA ILE F 110 -38.02 -12.98 -1.87
C ILE F 110 -39.25 -12.16 -1.52
N GLU F 111 -39.96 -12.67 -0.53
CA GLU F 111 -41.33 -12.21 -0.24
C GLU F 111 -41.35 -10.80 0.35
N THR F 112 -40.28 -10.40 1.01
CA THR F 112 -40.19 -9.07 1.61
C THR F 112 -39.80 -7.94 0.65
N ASP F 113 -39.32 -8.27 -0.56
CA ASP F 113 -38.81 -7.25 -1.47
C ASP F 113 -39.05 -7.73 -2.89
N PRO F 114 -40.21 -7.41 -3.45
CA PRO F 114 -40.55 -7.80 -4.85
C PRO F 114 -39.53 -7.37 -5.91
N LYS F 115 -38.85 -6.24 -5.68
CA LYS F 115 -37.81 -5.80 -6.60
C LYS F 115 -36.62 -6.77 -6.61
N LEU F 116 -36.18 -7.17 -5.42
CA LEU F 116 -35.13 -8.18 -5.31
C LEU F 116 -35.56 -9.54 -5.85
N ASP F 117 -36.82 -9.89 -5.64
CA ASP F 117 -37.33 -11.15 -6.15
C ASP F 117 -37.28 -11.15 -7.69
N THR F 118 -37.60 -10.01 -8.31
CA THR F 118 -37.52 -9.84 -9.74
C THR F 118 -36.07 -9.94 -10.22
N LEU F 119 -35.15 -9.35 -9.47
CA LEU F 119 -33.73 -9.44 -9.80
C LEU F 119 -33.26 -10.91 -9.77
N ALA F 120 -33.65 -11.65 -8.75
CA ALA F 120 -33.25 -13.05 -8.64
C ALA F 120 -33.81 -13.88 -9.81
N LYS F 121 -35.08 -13.65 -10.16
CA LYS F 121 -35.68 -14.32 -11.28
C LYS F 121 -35.04 -13.97 -12.61
N PHE F 122 -34.74 -12.71 -12.82
CA PHE F 122 -34.09 -12.26 -14.03
C PHE F 122 -32.71 -12.92 -14.18
N THR F 123 -31.95 -13.02 -13.07
CA THR F 123 -30.66 -13.64 -13.09
C THR F 123 -30.76 -15.10 -13.54
N LEU F 124 -31.70 -15.81 -12.94
CA LEU F 124 -31.95 -17.19 -13.29
C LEU F 124 -32.34 -17.32 -14.78
N ALA F 125 -33.21 -16.46 -15.23
CA ALA F 125 -33.60 -16.42 -16.60
C ALA F 125 -32.40 -16.20 -17.55
N VAL F 126 -31.51 -15.28 -17.19
CA VAL F 126 -30.32 -15.01 -18.00
C VAL F 126 -29.46 -16.27 -18.10
N ILE F 127 -29.26 -16.95 -16.97
CA ILE F 127 -28.44 -18.14 -16.93
C ILE F 127 -29.02 -19.27 -17.81
N ASN F 128 -30.29 -19.54 -17.67
CA ASN F 128 -30.95 -20.64 -18.34
C ASN F 128 -31.18 -20.37 -19.84
N THR F 129 -31.23 -19.12 -20.27
CA THR F 129 -31.50 -18.81 -21.65
C THR F 129 -30.33 -18.22 -22.44
N LYS F 130 -29.15 -18.11 -21.79
CA LYS F 130 -27.97 -17.53 -22.43
C LYS F 130 -28.22 -16.08 -22.86
N GLY F 131 -28.96 -15.36 -22.03
CA GLY F 131 -29.34 -13.97 -22.28
C GLY F 131 -30.62 -13.76 -23.06
N ARG F 132 -31.13 -14.79 -23.72
CA ARG F 132 -32.31 -14.69 -24.56
C ARG F 132 -33.57 -14.87 -23.71
N VAL F 133 -33.78 -13.97 -22.80
CA VAL F 133 -34.86 -14.12 -21.87
C VAL F 133 -36.23 -13.89 -22.42
N GLY F 134 -36.32 -13.23 -23.55
CA GLY F 134 -37.61 -12.93 -24.13
C GLY F 134 -38.19 -11.62 -23.65
N ASP F 135 -38.84 -10.90 -24.53
CA ASP F 135 -39.39 -9.59 -24.21
C ASP F 135 -40.17 -9.44 -22.92
N GLU F 136 -40.98 -10.42 -22.57
CA GLU F 136 -41.77 -10.35 -21.38
C GLU F 136 -40.97 -10.35 -20.09
N ALA F 137 -39.93 -11.16 -20.04
CA ALA F 137 -39.08 -11.24 -18.87
C ALA F 137 -38.29 -9.97 -18.74
N LEU F 138 -37.79 -9.50 -19.84
CA LEU F 138 -37.02 -8.29 -19.87
C LEU F 138 -37.86 -7.12 -19.41
N SER F 139 -39.07 -7.05 -19.91
CA SER F 139 -39.96 -6.02 -19.52
C SER F 139 -40.29 -6.04 -18.06
N GLU F 140 -40.46 -7.19 -17.47
CA GLU F 140 -40.77 -7.25 -16.06
C GLU F 140 -39.62 -6.79 -15.19
N PHE F 141 -38.40 -7.04 -15.62
CA PHE F 141 -37.24 -6.63 -14.89
C PHE F 141 -37.16 -5.11 -14.81
N LEU F 142 -37.32 -4.48 -15.95
CA LEU F 142 -37.26 -3.06 -16.06
C LEU F 142 -38.44 -2.40 -15.40
N GLU F 143 -39.61 -2.95 -15.61
CA GLU F 143 -40.80 -2.42 -15.00
C GLU F 143 -40.70 -2.39 -13.47
N ALA F 144 -39.89 -3.26 -12.89
CA ALA F 144 -39.67 -3.30 -11.46
C ALA F 144 -38.74 -2.19 -10.96
N GLY F 145 -38.26 -1.33 -11.83
CA GLY F 145 -37.41 -0.18 -11.43
C GLY F 145 -35.93 -0.37 -11.75
N TYR F 146 -35.61 -1.25 -12.70
CA TYR F 146 -34.22 -1.46 -13.11
C TYR F 146 -34.04 -0.86 -14.51
N THR F 147 -32.82 -0.45 -14.83
CA THR F 147 -32.49 0.15 -16.12
C THR F 147 -31.70 -0.82 -16.99
N GLN F 148 -31.45 -0.38 -18.22
CA GLN F 148 -30.69 -1.15 -19.15
C GLN F 148 -29.26 -1.37 -18.63
N GLN F 149 -28.68 -0.35 -18.02
CA GLN F 149 -27.43 -0.47 -17.28
C GLN F 149 -27.42 -1.62 -16.25
N ASN F 150 -28.45 -1.68 -15.41
CA ASN F 150 -28.56 -2.73 -14.43
C ASN F 150 -28.61 -4.08 -15.09
N ALA F 151 -29.43 -4.21 -16.12
CA ALA F 151 -29.53 -5.47 -16.87
C ALA F 151 -28.18 -5.96 -17.37
N LEU F 152 -27.37 -5.04 -17.88
CA LEU F 152 -26.00 -5.42 -18.31
C LEU F 152 -25.09 -5.73 -17.11
N ASP F 153 -25.26 -5.00 -16.00
CA ASP F 153 -24.55 -5.36 -14.78
C ASP F 153 -24.92 -6.76 -14.25
N VAL F 154 -26.16 -7.20 -14.49
CA VAL F 154 -26.52 -8.56 -14.13
C VAL F 154 -25.76 -9.58 -15.02
N VAL F 155 -25.76 -9.33 -16.33
CA VAL F 155 -25.06 -10.19 -17.26
C VAL F 155 -23.57 -10.28 -16.87
N PHE F 156 -23.00 -9.15 -16.48
CA PHE F 156 -21.62 -9.09 -16.01
C PHE F 156 -21.39 -9.90 -14.75
N GLY F 157 -22.26 -9.72 -13.75
CA GLY F 157 -22.18 -10.52 -12.52
C GLY F 157 -22.23 -12.02 -12.85
N VAL F 158 -23.12 -12.41 -13.76
CA VAL F 158 -23.21 -13.80 -14.15
C VAL F 158 -21.93 -14.32 -14.83
N SER F 159 -21.32 -13.53 -15.72
CA SER F 159 -20.05 -13.95 -16.32
C SER F 159 -18.94 -14.08 -15.29
N LEU F 160 -18.92 -13.21 -14.29
CA LEU F 160 -17.94 -13.29 -13.24
C LEU F 160 -18.16 -14.54 -12.39
N ALA F 161 -19.41 -14.79 -12.02
CA ALA F 161 -19.77 -16.00 -11.26
C ALA F 161 -19.37 -17.23 -12.04
N ILE F 162 -19.66 -17.25 -13.33
CA ILE F 162 -19.34 -18.35 -14.21
C ILE F 162 -17.83 -18.65 -14.22
N LEU F 163 -17.02 -17.61 -14.26
CA LEU F 163 -15.58 -17.80 -14.15
C LEU F 163 -15.23 -18.57 -12.88
N CYS F 164 -15.70 -18.07 -11.73
CA CYS F 164 -15.42 -18.70 -10.46
C CYS F 164 -16.11 -20.05 -10.27
N ASN F 165 -17.38 -20.15 -10.66
CA ASN F 165 -18.16 -21.36 -10.53
C ASN F 165 -17.59 -22.46 -11.38
N TYR F 166 -17.27 -22.17 -12.65
CA TYR F 166 -16.79 -23.22 -13.56
C TYR F 166 -15.38 -23.64 -13.21
N ALA F 167 -14.57 -22.70 -12.75
CA ALA F 167 -13.18 -23.06 -12.33
C ALA F 167 -13.18 -23.96 -11.13
N ASN F 168 -13.99 -23.65 -10.12
CA ASN F 168 -14.08 -24.48 -8.92
C ASN F 168 -14.70 -25.84 -9.23
N ASN F 169 -15.74 -25.90 -10.03
CA ASN F 169 -16.29 -27.19 -10.49
C ASN F 169 -15.26 -28.04 -11.25
N LEU F 170 -14.45 -27.40 -12.08
CA LEU F 170 -13.36 -28.12 -12.78
C LEU F 170 -12.31 -28.68 -11.82
N ALA F 171 -11.92 -27.90 -10.82
CA ALA F 171 -10.84 -28.34 -9.94
C ALA F 171 -11.33 -29.07 -8.70
N ASN F 172 -12.65 -29.04 -8.49
CA ASN F 172 -13.25 -29.47 -7.23
C ASN F 172 -12.58 -28.83 -6.01
N THR F 173 -12.41 -27.53 -6.07
CA THR F 173 -11.69 -26.76 -5.07
C THR F 173 -12.19 -27.04 -3.64
N PRO F 174 -11.31 -27.42 -2.72
CA PRO F 174 -11.73 -27.60 -1.35
C PRO F 174 -12.12 -26.29 -0.63
N ILE F 175 -13.11 -26.41 0.23
CA ILE F 175 -13.62 -25.24 0.97
C ILE F 175 -12.71 -25.04 2.17
N ASN F 176 -12.13 -23.84 2.30
CA ASN F 176 -11.31 -23.46 3.45
C ASN F 176 -12.07 -23.67 4.74
N PRO F 177 -11.37 -24.04 5.82
CA PRO F 177 -12.02 -24.09 7.17
C PRO F 177 -12.81 -22.87 7.56
N GLU F 178 -12.29 -21.69 7.25
CA GLU F 178 -13.06 -20.42 7.52
C GLU F 178 -14.45 -20.40 6.84
N LEU F 179 -14.60 -21.14 5.74
CA LEU F 179 -15.84 -21.10 4.97
C LEU F 179 -16.73 -22.33 5.18
N GLN F 180 -16.17 -23.40 5.77
CA GLN F 180 -16.91 -24.64 5.89
C GLN F 180 -18.25 -24.57 6.62
N PRO F 181 -18.35 -23.76 7.69
CA PRO F 181 -19.67 -23.58 8.32
C PRO F 181 -20.77 -23.02 7.44
N TYR F 182 -20.43 -22.44 6.28
CA TYR F 182 -21.39 -21.79 5.42
C TYR F 182 -21.65 -22.56 4.15
N ALA F 183 -21.19 -23.80 4.00
CA ALA F 183 -21.54 -24.57 2.82
C ALA F 183 -23.08 -24.87 2.83
#